data_5NCQ
#
_entry.id   5NCQ
#
_cell.length_a   125.620
_cell.length_b   224.630
_cell.length_c   57.050
_cell.angle_alpha   90.00
_cell.angle_beta   90.00
_cell.angle_gamma   90.00
#
_symmetry.space_group_name_H-M   'P 21 21 2'
#
loop_
_entity.id
_entity.type
_entity.pdbx_description
1 polymer 'Sarcoplasmic/endoplasmic reticulum calcium ATPase 1'
2 non-polymer "SPIRO(2,4,6-TRINITROBENZENE[1,2A]-2O',3O'-METHYLENE-ADENINE-TRIPHOSPHATE"
3 non-polymer 'POTASSIUM ION'
4 non-polymer 1,2-DIOLEOYL-SN-GLYCERO-3-PHOSPHOCHOLINE
5 non-polymer (1~{S})-~{N}-[(4-bromophenyl)methyl]-7-(trifluoromethyloxy)-2,3,4,9-tetrahydro-1~{H}-carbazol-1-amine
6 water water
#
_entity_poly.entity_id   1
_entity_poly.type   'polypeptide(L)'
_entity_poly.pdbx_seq_one_letter_code
;MEAAHSKSTEECLAYFGVSETTGLTPDQVKRHLEKYGHNELPAEEGKSLWELVIEQFEDLLVRILLLAACISFVLAWFEE
GEETITAFVEPFVILLILIANAIVGVWQERNAENAIEALKEYEPEMGKVYRADRKSVQRIKARDIVPGDIVEVAVGDKVP
ADIRILSIKSTTLRVDQSILTGESVSVIKHTEPVPDPRAVNQDKKNMLFSGTNIAAGKALGIVATTGVSTEIGKIRDQMA
ATEQDKTPLQQKLDEFGEQLSKVISLICVAVWLINIGHFNDPVHGGSWIRGAIYYFKIAVALAVAAIPEGLPAVITTCLA
LGTRRMAKKNAIVRSLPSVETLGCTSVICSDKTGTLTTNQMSVCKMFIIDKVDGDFCSLNEFSITGSTYAPEGEVLKNDK
PIRSGQFDGLVELATICALCNDSSLDFNETKGVYEKVGEATETALTTLVEKMNVFNTEVRNLSKVERANACNSVIRQLMK
KEFTLEFSRDRKSMSVYCSPAKSSRAAVGNKMFVKGAPEGVIDRCNYVRVGTTRVPMTGPVKEKILSVIKEWGTGRDTLR
CLALATRDTPPKREEMVLDDSSRFMEYETDLTFVGVVGMLDPPRKEVMGSIQLCRDAGIRVIMITGDNKGTAIAICRRIG
IFGENEEVADRAYTGREFDDLPLAEQREACRRACCFARVEPSHKSKIVEYLQSYDEITAMTGDGVNDAPALKKAEIGIAM
GSGTAVAKTASEMVLADDNFSTIVAAVEEGRAIYNNMKQFIRYLISSNVGEVVCIFLTAALGLPEALIPVQLLWVNLVTD
GLPATALGFNPPDLDIMDRPPRSPKEPLISGWLFFRYMAIGGYVGAATVGAAAWWFMYAEDGPGVTYHQLTHFMQCTEDH
PHFEGLDCEIFEAPEPMTMALSVLVTIEMCNALNSLSENQSLMRMPPWVNIWLLGSICLSMSLHFLILYVDPLPMIFKLK
ALDLTQWLMVLKISLPVIGLDEILKFIARNYLEG
;
_entity_poly.pdbx_strand_id   A
#
# COMPACT_ATOMS: atom_id res chain seq x y z
N MET A 1 15.42 -5.10 31.71
CA MET A 1 14.53 -5.77 32.65
C MET A 1 13.29 -6.30 31.94
N GLU A 2 13.07 -7.60 32.03
CA GLU A 2 11.94 -8.24 31.38
C GLU A 2 10.82 -8.47 32.38
N ALA A 3 9.58 -8.39 31.89
CA ALA A 3 8.38 -8.63 32.69
C ALA A 3 8.32 -7.70 33.90
N ALA A 4 8.73 -6.45 33.70
CA ALA A 4 8.59 -5.46 34.77
C ALA A 4 7.13 -5.15 35.09
N HIS A 5 6.20 -5.56 34.24
CA HIS A 5 4.77 -5.35 34.51
C HIS A 5 4.32 -6.11 35.74
N SER A 6 4.95 -7.26 36.02
CA SER A 6 4.59 -8.07 37.17
C SER A 6 5.27 -7.62 38.45
N LYS A 7 6.27 -6.76 38.37
CA LYS A 7 7.05 -6.35 39.53
C LYS A 7 6.49 -5.06 40.14
N SER A 8 6.63 -4.95 41.46
CA SER A 8 6.15 -3.77 42.16
C SER A 8 7.11 -2.60 41.94
N THR A 9 6.61 -1.40 42.24
CA THR A 9 7.39 -0.19 42.05
C THR A 9 8.75 -0.28 42.74
N GLU A 10 8.74 -0.74 44.00
CA GLU A 10 9.99 -0.85 44.75
C GLU A 10 10.95 -1.85 44.12
N GLU A 11 10.42 -2.93 43.54
CA GLU A 11 11.28 -3.97 42.98
C GLU A 11 12.03 -3.45 41.75
N CYS A 12 11.32 -2.84 40.81
CA CYS A 12 11.97 -2.30 39.62
C CYS A 12 13.02 -1.26 40.00
N LEU A 13 12.73 -0.45 41.02
CA LEU A 13 13.72 0.51 41.51
C LEU A 13 14.92 -0.20 42.11
N ALA A 14 14.68 -1.21 42.95
CA ALA A 14 15.77 -1.98 43.53
C ALA A 14 16.55 -2.72 42.46
N TYR A 15 15.91 -3.02 41.32
CA TYR A 15 16.58 -3.77 40.26
C TYR A 15 17.66 -2.93 39.59
N PHE A 16 17.35 -1.68 39.26
CA PHE A 16 18.25 -0.85 38.48
C PHE A 16 19.20 0.01 39.32
N GLY A 17 19.00 0.08 40.63
CA GLY A 17 19.83 0.92 41.47
C GLY A 17 19.60 2.39 41.19
N VAL A 18 18.35 2.83 41.32
CA VAL A 18 17.94 4.17 40.98
C VAL A 18 17.05 4.70 42.10
N SER A 19 17.05 6.02 42.26
CA SER A 19 16.12 6.70 43.16
C SER A 19 14.99 7.34 42.36
N GLU A 20 13.80 7.37 42.96
CA GLU A 20 12.67 8.05 42.34
C GLU A 20 12.78 9.57 42.40
N THR A 21 13.82 10.09 43.03
CA THR A 21 14.08 11.53 43.11
C THR A 21 15.42 11.92 42.53
N THR A 22 16.44 11.09 42.71
CA THR A 22 17.79 11.40 42.26
C THR A 22 18.04 11.01 40.80
N GLY A 23 17.33 10.00 40.29
CA GLY A 23 17.56 9.66 38.91
C GLY A 23 18.86 8.89 38.72
N LEU A 24 19.30 8.82 37.47
CA LEU A 24 20.51 8.08 37.11
C LEU A 24 21.73 8.98 37.16
N THR A 25 22.87 8.39 37.55
CA THR A 25 24.19 9.03 37.52
C THR A 25 24.74 9.01 36.10
N PRO A 26 25.47 10.05 35.68
CA PRO A 26 26.14 9.98 34.36
C PRO A 26 26.98 8.74 34.20
N ASP A 27 27.61 8.27 35.28
CA ASP A 27 28.36 7.02 35.21
C ASP A 27 27.44 5.83 34.91
N GLN A 28 26.28 5.80 35.55
CA GLN A 28 25.28 4.79 35.20
C GLN A 28 24.86 4.92 33.74
N VAL A 29 24.72 6.15 33.26
CA VAL A 29 24.29 6.37 31.87
C VAL A 29 25.33 5.80 30.90
N LYS A 30 26.61 6.10 31.14
CA LYS A 30 27.66 5.53 30.32
C LYS A 30 27.62 4.01 30.34
N ARG A 31 27.51 3.43 31.53
CA ARG A 31 27.47 1.97 31.65
C ARG A 31 26.28 1.39 30.91
N HIS A 32 25.13 2.07 30.95
CA HIS A 32 23.93 1.54 30.30
C HIS A 32 24.00 1.70 28.79
N LEU A 33 24.48 2.85 28.32
CA LEU A 33 24.72 3.05 26.89
C LEU A 33 25.60 1.94 26.34
N GLU A 34 26.55 1.47 27.15
CA GLU A 34 27.43 0.39 26.72
C GLU A 34 26.71 -0.95 26.74
N LYS A 35 25.90 -1.19 27.77
CA LYS A 35 25.25 -2.49 27.97
C LYS A 35 23.90 -2.61 27.27
N TYR A 36 23.38 -1.54 26.69
CA TYR A 36 22.06 -1.59 26.05
C TYR A 36 22.01 -0.88 24.71
N GLY A 37 23.06 -0.18 24.30
CA GLY A 37 23.04 0.59 23.08
C GLY A 37 22.10 1.79 23.17
N HIS A 38 22.02 2.60 22.12
CA HIS A 38 21.13 3.74 22.14
C HIS A 38 19.67 3.29 22.08
N ASN A 39 18.77 4.24 22.27
CA ASN A 39 17.34 3.98 22.30
C ASN A 39 16.74 4.33 20.95
N GLU A 40 16.91 3.41 20.00
CA GLU A 40 16.48 3.66 18.63
C GLU A 40 16.44 2.34 17.87
N LEU A 41 15.75 2.36 16.74
CA LEU A 41 15.79 1.24 15.81
C LEU A 41 17.08 1.32 15.02
N PRO A 42 17.96 0.32 15.09
CA PRO A 42 19.29 0.45 14.49
C PRO A 42 19.23 0.60 12.98
N ALA A 43 20.29 1.18 12.42
CA ALA A 43 20.37 1.38 10.99
C ALA A 43 20.39 0.04 10.27
N GLU A 44 19.92 0.04 9.02
CA GLU A 44 19.77 -1.18 8.24
C GLU A 44 21.07 -1.96 8.17
N GLU A 45 20.95 -3.27 8.27
CA GLU A 45 22.10 -4.18 8.26
C GLU A 45 21.88 -5.26 7.21
N GLY A 46 22.81 -6.21 7.15
CA GLY A 46 22.73 -7.29 6.20
C GLY A 46 22.98 -6.90 4.75
N LYS A 47 23.07 -5.61 4.46
CA LYS A 47 23.31 -5.12 3.11
C LYS A 47 24.76 -4.68 2.99
N SER A 48 25.49 -5.31 2.06
CA SER A 48 26.88 -4.99 1.79
C SER A 48 27.01 -4.52 0.35
N LEU A 49 27.64 -3.36 0.17
CA LEU A 49 27.84 -2.82 -1.17
C LEU A 49 28.74 -3.74 -1.99
N TRP A 50 29.84 -4.21 -1.40
CA TRP A 50 30.75 -5.07 -2.13
C TRP A 50 30.11 -6.42 -2.45
N GLU A 51 29.43 -7.03 -1.47
CA GLU A 51 28.71 -8.27 -1.71
C GLU A 51 27.53 -8.07 -2.65
N LEU A 52 27.03 -6.85 -2.77
CA LEU A 52 25.99 -6.58 -3.75
C LEU A 52 26.56 -6.58 -5.16
N VAL A 53 27.80 -6.14 -5.33
CA VAL A 53 28.46 -6.19 -6.64
C VAL A 53 28.45 -7.60 -7.18
N ILE A 54 28.48 -8.61 -6.31
CA ILE A 54 28.43 -10.00 -6.74
C ILE A 54 27.14 -10.28 -7.49
N GLU A 55 26.01 -9.75 -6.99
CA GLU A 55 24.73 -9.92 -7.67
C GLU A 55 24.79 -9.34 -9.08
N GLN A 56 25.36 -8.15 -9.22
CA GLN A 56 25.52 -7.55 -10.55
C GLN A 56 26.41 -8.43 -11.43
N PHE A 57 27.54 -8.89 -10.89
CA PHE A 57 28.40 -9.80 -11.62
C PHE A 57 27.66 -11.07 -12.02
N GLU A 58 26.74 -11.53 -11.17
CA GLU A 58 26.05 -12.79 -11.45
C GLU A 58 25.05 -12.65 -12.59
N ASP A 59 24.47 -11.47 -12.77
CA ASP A 59 23.54 -11.26 -13.87
C ASP A 59 24.22 -11.53 -15.21
N LEU A 60 23.46 -12.09 -16.15
CA LEU A 60 24.06 -12.54 -17.40
C LEU A 60 24.46 -11.37 -18.29
N LEU A 61 23.55 -10.43 -18.54
CA LEU A 61 23.84 -9.34 -19.45
C LEU A 61 24.98 -8.47 -18.92
N VAL A 62 25.05 -8.27 -17.60
CA VAL A 62 26.17 -7.56 -17.02
C VAL A 62 27.48 -8.29 -17.32
N ARG A 63 27.46 -9.62 -17.22
CA ARG A 63 28.62 -10.42 -17.60
C ARG A 63 29.03 -10.16 -19.04
N ILE A 64 28.04 -10.12 -19.95
CA ILE A 64 28.32 -9.84 -21.35
C ILE A 64 28.95 -8.46 -21.50
N LEU A 65 28.27 -7.43 -21.00
CA LEU A 65 28.76 -6.07 -21.16
C LEU A 65 30.11 -5.87 -20.47
N LEU A 66 30.31 -6.51 -19.32
CA LEU A 66 31.61 -6.45 -18.67
C LEU A 66 32.68 -7.09 -19.55
N LEU A 67 32.32 -8.17 -20.25
CA LEU A 67 33.26 -8.77 -21.19
C LEU A 67 33.53 -7.85 -22.37
N ALA A 68 32.49 -7.17 -22.86
CA ALA A 68 32.69 -6.19 -23.93
C ALA A 68 33.60 -5.06 -23.49
N ALA A 69 33.64 -4.76 -22.19
CA ALA A 69 34.52 -3.73 -21.68
C ALA A 69 35.98 -4.14 -21.84
N CYS A 70 36.35 -5.30 -21.29
CA CYS A 70 37.73 -5.76 -21.36
C CYS A 70 38.20 -5.90 -22.80
N ILE A 71 37.31 -6.36 -23.69
CA ILE A 71 37.64 -6.43 -25.11
C ILE A 71 37.90 -5.03 -25.65
N SER A 72 36.95 -4.11 -25.44
CA SER A 72 37.12 -2.73 -25.89
C SER A 72 38.38 -2.13 -25.29
N PHE A 73 38.74 -2.53 -24.07
CA PHE A 73 39.97 -2.03 -23.44
C PHE A 73 41.20 -2.51 -24.20
N VAL A 74 41.31 -3.82 -24.43
CA VAL A 74 42.51 -4.36 -25.08
C VAL A 74 42.59 -3.90 -26.53
N LEU A 75 41.44 -3.65 -27.17
CA LEU A 75 41.45 -3.20 -28.55
C LEU A 75 42.01 -1.79 -28.68
N ALA A 76 41.54 -0.86 -27.84
CA ALA A 76 42.10 0.48 -27.82
C ALA A 76 43.59 0.46 -27.48
N TRP A 77 43.97 -0.46 -26.58
CA TRP A 77 45.38 -0.60 -26.24
C TRP A 77 46.22 -0.96 -27.46
N PHE A 78 45.79 -1.97 -28.21
CA PHE A 78 46.65 -2.50 -29.26
C PHE A 78 46.71 -1.59 -30.48
N GLU A 79 45.60 -0.95 -30.80
CA GLU A 79 45.46 -0.19 -32.05
C GLU A 79 46.02 1.22 -31.88
N GLU A 80 47.35 1.27 -31.73
CA GLU A 80 48.02 2.56 -31.66
C GLU A 80 48.10 3.23 -33.02
N GLY A 81 48.19 2.43 -34.08
CA GLY A 81 48.39 2.98 -35.41
C GLY A 81 47.12 3.51 -36.03
N GLU A 82 47.28 4.54 -36.88
CA GLU A 82 46.26 5.16 -37.72
C GLU A 82 45.16 5.84 -36.91
N GLU A 83 45.29 5.95 -35.60
CA GLU A 83 44.31 6.68 -34.81
C GLU A 83 44.99 7.27 -33.58
N THR A 84 44.38 8.32 -33.05
CA THR A 84 44.89 8.94 -31.83
C THR A 84 44.73 7.97 -30.66
N ILE A 85 45.76 7.90 -29.81
CA ILE A 85 45.71 7.01 -28.65
C ILE A 85 44.74 7.52 -27.60
N THR A 86 44.43 8.82 -27.61
CA THR A 86 43.42 9.36 -26.71
C THR A 86 42.03 8.91 -27.14
N ALA A 87 41.84 7.58 -27.21
CA ALA A 87 40.60 6.97 -27.67
C ALA A 87 40.17 5.84 -26.75
N PHE A 88 40.47 5.98 -25.46
CA PHE A 88 40.01 5.06 -24.44
C PHE A 88 38.61 5.38 -23.96
N VAL A 89 37.90 6.29 -24.64
CA VAL A 89 36.59 6.73 -24.16
C VAL A 89 35.60 5.58 -24.16
N GLU A 90 35.61 4.75 -25.21
CA GLU A 90 34.65 3.66 -25.30
C GLU A 90 34.78 2.67 -24.15
N PRO A 91 35.95 2.09 -23.83
CA PRO A 91 36.01 1.22 -22.66
C PRO A 91 35.65 1.94 -21.38
N PHE A 92 36.06 3.21 -21.24
CA PHE A 92 35.71 3.99 -20.06
C PHE A 92 34.21 4.18 -19.93
N VAL A 93 33.55 4.50 -21.06
CA VAL A 93 32.10 4.69 -21.04
C VAL A 93 31.38 3.38 -20.70
N ILE A 94 31.85 2.27 -21.28
CA ILE A 94 31.25 0.97 -20.98
C ILE A 94 31.26 0.71 -19.48
N LEU A 95 32.38 1.00 -18.84
CA LEU A 95 32.49 0.79 -17.40
C LEU A 95 31.53 1.71 -16.65
N LEU A 96 31.49 2.99 -17.04
CA LEU A 96 30.64 3.94 -16.35
C LEU A 96 29.16 3.55 -16.46
N ILE A 97 28.73 3.15 -17.65
CA ILE A 97 27.35 2.70 -17.82
C ILE A 97 27.10 1.45 -17.01
N LEU A 98 28.11 0.57 -16.90
CA LEU A 98 27.99 -0.57 -16.01
C LEU A 98 27.97 -0.12 -14.56
N ILE A 99 28.86 0.81 -14.20
CA ILE A 99 28.87 1.36 -12.84
C ILE A 99 27.54 2.05 -12.55
N ALA A 100 27.06 2.86 -13.50
CA ALA A 100 25.79 3.56 -13.28
C ALA A 100 24.66 2.59 -13.01
N ASN A 101 24.59 1.50 -13.77
CA ASN A 101 23.51 0.53 -13.59
C ASN A 101 23.58 -0.12 -12.21
N ALA A 102 24.79 -0.48 -11.76
CA ALA A 102 24.95 -0.97 -10.40
C ALA A 102 24.40 0.04 -9.39
N ILE A 103 24.82 1.30 -9.52
CA ILE A 103 24.28 2.36 -8.66
C ILE A 103 22.77 2.41 -8.75
N VAL A 104 22.22 2.35 -9.97
CA VAL A 104 20.78 2.54 -10.16
C VAL A 104 19.98 1.49 -9.37
N GLY A 105 20.30 0.21 -9.59
CA GLY A 105 19.60 -0.85 -8.86
C GLY A 105 19.72 -0.69 -7.37
N VAL A 106 20.93 -0.41 -6.87
CA VAL A 106 21.12 -0.12 -5.45
C VAL A 106 20.35 1.13 -5.05
N TRP A 107 20.39 2.16 -5.91
CA TRP A 107 19.86 3.47 -5.54
C TRP A 107 18.39 3.38 -5.15
N GLN A 108 17.59 2.61 -5.88
CA GLN A 108 16.19 2.45 -5.55
C GLN A 108 15.86 1.05 -5.03
N GLU A 109 16.89 0.22 -4.80
CA GLU A 109 16.71 -0.86 -3.83
C GLU A 109 16.35 -0.29 -2.47
N ARG A 110 16.86 0.92 -2.16
CA ARG A 110 16.46 1.65 -0.97
C ARG A 110 15.03 2.15 -1.07
N ASN A 111 14.46 2.21 -2.27
CA ASN A 111 13.04 2.53 -2.41
C ASN A 111 12.17 1.32 -2.12
N ALA A 112 12.54 0.16 -2.64
CA ALA A 112 11.92 -1.08 -2.21
C ALA A 112 12.21 -1.32 -0.73
N GLU A 113 13.42 -1.01 -0.29
CA GLU A 113 13.70 -0.93 1.13
C GLU A 113 13.03 0.31 1.72
N ASN A 114 13.23 0.50 3.02
CA ASN A 114 12.58 1.58 3.77
C ASN A 114 11.06 1.50 3.68
N ALA A 115 10.53 0.44 3.06
CA ALA A 115 9.13 0.12 3.21
C ALA A 115 8.80 -0.17 4.65
N ILE A 116 9.69 -0.90 5.34
CA ILE A 116 9.52 -1.17 6.76
C ILE A 116 9.84 0.05 7.60
N GLU A 117 10.49 1.07 7.03
CA GLU A 117 10.84 2.27 7.78
C GLU A 117 9.61 3.06 8.22
N ALA A 118 8.43 2.74 7.70
CA ALA A 118 7.20 3.37 8.16
C ALA A 118 6.95 3.16 9.65
N LEU A 119 7.70 2.26 10.30
CA LEU A 119 7.62 2.05 11.74
C LEU A 119 8.57 2.95 12.50
N LYS A 120 9.75 3.24 11.94
CA LYS A 120 10.68 4.20 12.53
C LYS A 120 10.04 5.57 12.74
N GLU A 121 8.96 5.85 12.00
CA GLU A 121 8.22 7.11 12.06
C GLU A 121 7.43 7.28 13.35
N TYR A 122 7.20 6.20 14.09
CA TYR A 122 6.36 6.25 15.29
C TYR A 122 7.13 6.61 16.55
N GLU A 123 8.45 6.71 16.48
CA GLU A 123 9.20 7.03 17.69
C GLU A 123 9.46 8.54 17.78
N PRO A 124 9.54 9.08 18.99
CA PRO A 124 9.56 10.54 19.15
C PRO A 124 10.97 11.13 19.05
N GLU A 125 11.01 12.46 19.01
CA GLU A 125 12.27 13.17 18.98
C GLU A 125 12.86 13.36 20.37
N MET A 126 12.01 13.68 21.35
CA MET A 126 12.48 14.07 22.66
C MET A 126 11.69 13.37 23.76
N GLY A 127 12.25 13.41 24.96
CA GLY A 127 11.60 12.91 26.16
C GLY A 127 12.05 13.73 27.35
N LYS A 128 11.51 13.39 28.52
CA LYS A 128 11.79 14.11 29.76
C LYS A 128 12.25 13.13 30.81
N VAL A 129 13.38 13.42 31.45
CA VAL A 129 13.92 12.55 32.50
C VAL A 129 14.40 13.40 33.66
N TYR A 130 14.29 12.83 34.86
CA TYR A 130 14.97 13.35 36.03
C TYR A 130 16.27 12.58 36.20
N ARG A 131 17.39 13.30 36.26
CA ARG A 131 18.70 12.69 36.34
C ARG A 131 19.54 13.40 37.40
N ALA A 132 20.60 12.71 37.84
CA ALA A 132 21.50 13.18 38.91
C ALA A 132 22.30 14.42 38.52
N ASP A 133 22.03 15.08 37.39
CA ASP A 133 22.67 16.35 37.09
C ASP A 133 21.98 17.49 37.81
N ARG A 134 20.69 17.66 37.58
CA ARG A 134 19.90 18.76 38.11
C ARG A 134 18.72 18.22 38.91
N LYS A 135 18.27 19.01 39.89
CA LYS A 135 17.09 18.65 40.65
C LYS A 135 15.81 18.79 39.84
N SER A 136 15.86 19.44 38.68
CA SER A 136 14.74 19.56 37.78
C SER A 136 14.85 18.56 36.65
N VAL A 137 13.81 18.52 35.82
CA VAL A 137 13.71 17.55 34.73
C VAL A 137 14.45 18.07 33.52
N GLN A 138 15.26 17.22 32.90
CA GLN A 138 16.04 17.56 31.72
C GLN A 138 15.39 16.96 30.49
N ARG A 139 15.21 17.76 29.44
CA ARG A 139 14.72 17.25 28.18
C ARG A 139 15.89 16.69 27.37
N ILE A 140 15.85 15.38 27.11
CA ILE A 140 16.92 14.69 26.42
C ILE A 140 16.41 14.26 25.04
N LYS A 141 17.32 14.16 24.09
CA LYS A 141 17.00 13.47 22.84
C LYS A 141 16.55 12.05 23.16
N ALA A 142 15.42 11.65 22.58
CA ALA A 142 14.81 10.37 22.91
C ALA A 142 15.78 9.22 22.69
N ARG A 143 16.62 9.31 21.66
CA ARG A 143 17.57 8.25 21.36
C ARG A 143 18.70 8.14 22.37
N ASP A 144 18.69 8.95 23.44
CA ASP A 144 19.69 8.85 24.50
C ASP A 144 19.08 8.45 25.84
N ILE A 145 17.81 8.03 25.86
CA ILE A 145 17.18 7.52 27.07
C ILE A 145 17.58 6.05 27.21
N VAL A 146 18.51 5.79 28.12
CA VAL A 146 18.98 4.43 28.37
C VAL A 146 17.93 3.71 29.23
N PRO A 147 18.00 2.39 29.41
CA PRO A 147 17.13 1.75 30.39
C PRO A 147 17.46 2.22 31.80
N GLY A 148 16.41 2.36 32.62
CA GLY A 148 16.56 2.56 34.04
C GLY A 148 16.35 3.97 34.53
N ASP A 149 16.37 4.97 33.65
CA ASP A 149 16.24 6.35 34.11
C ASP A 149 14.78 6.72 34.34
N ILE A 150 14.58 7.66 35.27
CA ILE A 150 13.24 8.11 35.62
C ILE A 150 12.70 8.99 34.51
N VAL A 151 11.48 8.70 34.05
CA VAL A 151 10.85 9.43 32.96
C VAL A 151 9.55 10.05 33.44
N GLU A 152 9.32 11.29 33.04
CA GLU A 152 8.06 12.00 33.26
C GLU A 152 7.35 12.14 31.92
N VAL A 153 6.03 11.92 31.91
CA VAL A 153 5.22 12.10 30.72
C VAL A 153 3.95 12.84 31.10
N ALA A 154 3.44 13.65 30.18
CA ALA A 154 2.28 14.49 30.42
C ALA A 154 1.25 14.23 29.33
N VAL A 155 0.26 15.10 29.22
CA VAL A 155 -0.79 14.96 28.22
C VAL A 155 -0.23 15.23 26.83
N GLY A 156 -0.64 14.43 25.85
CA GLY A 156 -0.25 14.66 24.48
C GLY A 156 1.18 14.33 24.13
N ASP A 157 1.95 13.80 25.08
CA ASP A 157 3.31 13.39 24.79
C ASP A 157 3.32 12.00 24.17
N LYS A 158 4.40 11.69 23.46
CA LYS A 158 4.66 10.34 23.00
C LYS A 158 5.55 9.64 24.01
N VAL A 159 5.14 8.46 24.45
CA VAL A 159 5.94 7.67 25.38
C VAL A 159 7.24 7.31 24.66
N PRO A 160 8.40 7.71 25.20
CA PRO A 160 9.66 7.56 24.46
C PRO A 160 10.36 6.22 24.65
N ALA A 161 9.91 5.39 25.60
CA ALA A 161 10.49 4.07 25.82
C ALA A 161 9.38 3.17 26.38
N ASP A 162 9.75 1.95 26.74
CA ASP A 162 8.83 1.06 27.44
C ASP A 162 9.06 1.25 28.94
N ILE A 163 8.05 1.80 29.62
CA ILE A 163 8.22 2.34 30.96
C ILE A 163 7.21 1.68 31.89
N ARG A 164 7.68 1.22 33.05
CA ARG A 164 6.80 0.76 34.12
C ARG A 164 6.39 1.96 34.96
N ILE A 165 5.08 2.23 35.02
CA ILE A 165 4.58 3.41 35.70
C ILE A 165 4.92 3.30 37.19
N LEU A 166 5.39 4.41 37.76
CA LEU A 166 5.79 4.45 39.17
C LEU A 166 4.77 5.16 40.05
N SER A 167 4.28 6.32 39.63
CA SER A 167 3.30 7.06 40.42
C SER A 167 2.55 8.03 39.52
N ILE A 168 1.27 7.79 39.30
CA ILE A 168 0.43 8.71 38.54
C ILE A 168 0.16 9.93 39.41
N LYS A 169 0.54 11.11 38.90
CA LYS A 169 0.46 12.34 39.69
C LYS A 169 -0.89 13.03 39.60
N SER A 170 -1.60 12.90 38.49
CA SER A 170 -2.91 13.51 38.35
C SER A 170 -3.98 12.55 38.89
N THR A 171 -5.25 12.90 38.70
CA THR A 171 -6.33 12.08 39.24
C THR A 171 -6.36 10.70 38.61
N THR A 172 -6.30 10.64 37.28
CA THR A 172 -6.24 9.39 36.56
C THR A 172 -5.33 9.55 35.34
N LEU A 173 -4.99 8.42 34.71
CA LEU A 173 -4.09 8.39 33.58
C LEU A 173 -4.71 7.54 32.47
N ARG A 174 -5.00 8.17 31.34
CA ARG A 174 -5.54 7.51 30.17
C ARG A 174 -4.51 7.52 29.06
N VAL A 175 -4.30 6.38 28.42
CA VAL A 175 -3.22 6.21 27.45
C VAL A 175 -3.81 5.64 26.17
N ASP A 176 -3.78 6.46 25.11
CA ASP A 176 -4.06 5.98 23.76
C ASP A 176 -2.92 5.07 23.32
N GLN A 177 -3.20 3.77 23.21
CA GLN A 177 -2.24 2.81 22.68
C GLN A 177 -2.83 2.02 21.52
N SER A 178 -3.69 2.68 20.73
CA SER A 178 -4.28 2.02 19.57
C SER A 178 -3.21 1.56 18.59
N ILE A 179 -2.12 2.33 18.50
CA ILE A 179 -1.05 2.13 17.53
C ILE A 179 -0.41 0.77 17.70
N LEU A 180 -0.56 0.19 18.90
CA LEU A 180 0.16 -1.01 19.27
C LEU A 180 -0.76 -2.19 19.59
N THR A 181 -1.92 -1.95 20.18
CA THR A 181 -2.85 -3.02 20.52
C THR A 181 -4.12 -3.00 19.69
N GLY A 182 -4.37 -1.94 18.93
CA GLY A 182 -5.64 -1.75 18.29
C GLY A 182 -6.74 -1.25 19.20
N GLU A 183 -6.48 -1.16 20.52
CA GLU A 183 -7.45 -0.65 21.47
C GLU A 183 -7.93 0.74 21.07
N SER A 184 -9.19 0.84 20.65
CA SER A 184 -9.77 2.11 20.24
C SER A 184 -10.26 2.96 21.41
N VAL A 185 -9.96 2.56 22.65
CA VAL A 185 -10.35 3.31 23.83
C VAL A 185 -9.12 3.54 24.71
N SER A 186 -8.97 4.77 25.20
CA SER A 186 -7.82 5.10 26.04
C SER A 186 -7.84 4.29 27.32
N VAL A 187 -6.78 3.52 27.55
CA VAL A 187 -6.72 2.57 28.65
C VAL A 187 -6.46 3.31 29.96
N ILE A 188 -7.21 2.96 30.99
CA ILE A 188 -6.92 3.42 32.34
C ILE A 188 -5.69 2.66 32.86
N LYS A 189 -4.67 3.41 33.25
CA LYS A 189 -3.44 2.83 33.79
C LYS A 189 -3.41 2.98 35.30
N HIS A 190 -2.87 1.97 35.98
CA HIS A 190 -2.69 2.00 37.43
C HIS A 190 -1.24 1.65 37.76
N THR A 191 -0.91 1.69 39.05
CA THR A 191 0.46 1.51 39.52
C THR A 191 0.70 0.17 40.19
N GLU A 192 -0.33 -0.66 40.35
CA GLU A 192 -0.15 -1.96 40.97
C GLU A 192 0.51 -2.93 40.00
N PRO A 193 1.10 -4.02 40.51
CA PRO A 193 1.67 -5.03 39.60
C PRO A 193 0.58 -5.86 38.95
N VAL A 194 0.68 -6.04 37.65
CA VAL A 194 -0.21 -6.97 36.95
C VAL A 194 0.44 -8.34 37.09
N PRO A 195 -0.21 -9.33 37.69
CA PRO A 195 0.52 -10.48 38.22
C PRO A 195 1.11 -11.41 37.16
N ASP A 196 0.49 -11.55 36.00
CA ASP A 196 0.90 -12.60 35.06
C ASP A 196 2.17 -12.21 34.33
N PRO A 197 3.24 -13.00 34.43
CA PRO A 197 4.50 -12.65 33.72
C PRO A 197 4.40 -12.71 32.21
N ARG A 198 3.48 -13.49 31.63
CA ARG A 198 3.36 -13.61 30.19
C ARG A 198 2.09 -12.96 29.65
N ALA A 199 1.46 -12.10 30.44
CA ALA A 199 0.17 -11.54 30.07
C ALA A 199 0.29 -10.67 28.82
N VAL A 200 -0.79 -10.63 28.04
CA VAL A 200 -0.82 -9.80 26.84
C VAL A 200 -0.72 -8.33 27.23
N ASN A 201 -0.28 -7.51 26.27
CA ASN A 201 -0.05 -6.10 26.54
C ASN A 201 -1.34 -5.39 26.95
N GLN A 202 -2.48 -5.82 26.39
CA GLN A 202 -3.76 -5.23 26.76
C GLN A 202 -4.03 -5.34 28.25
N ASP A 203 -3.47 -6.36 28.90
CA ASP A 203 -3.59 -6.53 30.34
C ASP A 203 -2.52 -5.77 31.11
N LYS A 204 -1.38 -5.47 30.50
CA LYS A 204 -0.33 -4.73 31.18
C LYS A 204 -0.78 -3.30 31.46
N LYS A 205 -1.75 -3.14 32.35
CA LYS A 205 -2.34 -1.84 32.65
C LYS A 205 -1.48 -1.01 33.60
N ASN A 206 -0.23 -1.41 33.85
CA ASN A 206 0.70 -0.60 34.62
C ASN A 206 1.93 -0.21 33.79
N MET A 207 1.85 -0.36 32.47
CA MET A 207 3.00 -0.17 31.59
C MET A 207 2.70 0.94 30.59
N LEU A 208 3.74 1.71 30.28
CA LEU A 208 3.69 2.71 29.21
C LEU A 208 4.54 2.19 28.06
N PHE A 209 3.92 2.03 26.90
CA PHE A 209 4.58 1.47 25.73
C PHE A 209 5.07 2.59 24.82
N SER A 210 6.30 2.45 24.33
CA SER A 210 6.88 3.45 23.45
C SER A 210 6.05 3.61 22.19
N GLY A 211 6.04 4.83 21.65
CA GLY A 211 5.24 5.13 20.48
C GLY A 211 3.79 5.43 20.73
N THR A 212 3.27 5.09 21.91
CA THR A 212 1.91 5.43 22.30
C THR A 212 1.89 6.82 22.91
N ASN A 213 0.70 7.43 22.93
CA ASN A 213 0.53 8.78 23.45
C ASN A 213 -0.41 8.78 24.66
N ILE A 214 -0.32 9.85 25.43
CA ILE A 214 -1.10 10.00 26.65
C ILE A 214 -2.40 10.73 26.31
N ALA A 215 -3.53 10.08 26.57
CA ALA A 215 -4.81 10.73 26.35
C ALA A 215 -5.03 11.86 27.37
N ALA A 216 -4.75 11.58 28.63
CA ALA A 216 -4.89 12.57 29.69
C ALA A 216 -4.12 12.11 30.92
N GLY A 217 -3.69 13.08 31.72
CA GLY A 217 -3.03 12.80 32.98
C GLY A 217 -1.55 13.12 32.94
N LYS A 218 -0.88 12.71 34.02
CA LYS A 218 0.56 12.92 34.18
C LYS A 218 1.07 11.90 35.17
N ALA A 219 2.16 11.22 34.81
CA ALA A 219 2.71 10.16 35.64
C ALA A 219 4.22 10.18 35.57
N LEU A 220 4.83 9.39 36.46
CA LEU A 220 6.27 9.22 36.53
C LEU A 220 6.55 7.73 36.47
N GLY A 221 7.55 7.34 35.68
CA GLY A 221 7.88 5.93 35.55
C GLY A 221 9.37 5.66 35.55
N ILE A 222 9.76 4.42 35.29
CA ILE A 222 11.16 4.05 35.15
C ILE A 222 11.31 3.18 33.92
N VAL A 223 12.31 3.49 33.09
CA VAL A 223 12.44 2.83 31.78
C VAL A 223 12.83 1.38 31.98
N ALA A 224 11.99 0.47 31.47
CA ALA A 224 12.24 -0.96 31.59
C ALA A 224 13.03 -1.50 30.42
N THR A 225 12.65 -1.14 29.19
CA THR A 225 13.36 -1.57 28.00
C THR A 225 13.47 -0.43 27.01
N THR A 226 14.52 -0.46 26.20
CA THR A 226 14.80 0.58 25.23
C THR A 226 14.97 -0.01 23.84
N GLY A 227 14.79 0.84 22.83
CA GLY A 227 15.05 0.49 21.45
C GLY A 227 14.35 -0.76 20.95
N VAL A 228 15.15 -1.78 20.64
CA VAL A 228 14.59 -3.02 20.08
C VAL A 228 13.84 -3.82 21.15
N SER A 229 14.27 -3.76 22.40
CA SER A 229 13.63 -4.55 23.44
C SER A 229 12.18 -4.11 23.71
N THR A 230 11.82 -2.91 23.28
CA THR A 230 10.46 -2.42 23.47
C THR A 230 9.47 -3.22 22.63
N GLU A 231 8.20 -3.21 23.06
CA GLU A 231 7.16 -3.95 22.35
C GLU A 231 6.96 -3.40 20.93
N ILE A 232 7.08 -2.09 20.75
CA ILE A 232 7.04 -1.55 19.41
C ILE A 232 8.32 -1.91 18.66
N GLY A 233 9.43 -2.07 19.37
CA GLY A 233 10.65 -2.52 18.73
C GLY A 233 10.66 -4.01 18.43
N LYS A 234 9.85 -4.78 19.16
CA LYS A 234 9.68 -6.20 18.86
C LYS A 234 9.06 -6.43 17.49
N ILE A 235 8.34 -5.43 16.96
CA ILE A 235 7.72 -5.58 15.65
C ILE A 235 8.78 -5.66 14.57
N ARG A 236 9.90 -4.97 14.75
CA ARG A 236 10.98 -4.99 13.76
C ARG A 236 11.76 -6.30 13.76
N ASP A 237 11.54 -7.19 14.72
CA ASP A 237 12.37 -8.37 14.86
C ASP A 237 12.25 -9.29 13.64
N GLN A 238 11.04 -9.42 13.09
CA GLN A 238 10.89 -10.20 11.86
C GLN A 238 11.66 -9.57 10.71
N MET A 239 11.56 -8.25 10.55
CA MET A 239 12.41 -7.48 9.63
C MET A 239 12.39 -8.07 8.23
N ALA A 240 11.20 -8.50 7.78
CA ALA A 240 11.03 -9.10 6.46
C ALA A 240 12.02 -10.24 6.27
N ALA A 241 12.92 -10.13 5.29
CA ALA A 241 13.98 -11.11 5.09
C ALA A 241 13.43 -12.52 4.93
N THR A 242 12.25 -12.61 4.32
CA THR A 242 11.64 -13.90 4.03
C THR A 242 12.20 -14.41 2.69
N GLU A 243 11.60 -15.48 2.17
CA GLU A 243 11.97 -15.95 0.84
C GLU A 243 11.67 -14.87 -0.20
N GLN A 244 12.70 -14.47 -0.94
CA GLN A 244 12.57 -13.45 -1.97
C GLN A 244 12.49 -14.14 -3.32
N ASP A 245 11.35 -13.98 -4.00
CA ASP A 245 11.10 -14.63 -5.28
C ASP A 245 10.88 -13.56 -6.35
N LYS A 246 11.50 -13.77 -7.51
CA LYS A 246 11.42 -12.79 -8.59
C LYS A 246 9.99 -12.54 -9.02
N THR A 247 9.70 -11.28 -9.33
CA THR A 247 8.38 -10.93 -9.83
C THR A 247 8.19 -11.48 -11.25
N PRO A 248 6.94 -11.67 -11.67
CA PRO A 248 6.72 -12.22 -13.03
C PRO A 248 7.38 -11.41 -14.12
N LEU A 249 7.35 -10.08 -14.06
CA LEU A 249 8.06 -9.28 -15.05
C LEU A 249 9.57 -9.47 -14.93
N GLN A 250 10.08 -9.58 -13.71
CA GLN A 250 11.51 -9.84 -13.51
C GLN A 250 11.90 -11.17 -14.14
N GLN A 251 11.04 -12.18 -14.01
CA GLN A 251 11.34 -13.49 -14.60
C GLN A 251 11.31 -13.42 -16.12
N LYS A 252 10.27 -12.80 -16.67
CA LYS A 252 10.16 -12.70 -18.13
C LYS A 252 11.33 -11.94 -18.73
N LEU A 253 11.70 -10.81 -18.13
CA LEU A 253 12.82 -10.02 -18.65
C LEU A 253 14.08 -10.85 -18.72
N ASP A 254 14.27 -11.77 -17.78
CA ASP A 254 15.48 -12.59 -17.75
C ASP A 254 15.45 -13.67 -18.82
N GLU A 255 14.27 -14.22 -19.13
CA GLU A 255 14.18 -15.16 -20.25
C GLU A 255 14.57 -14.47 -21.55
N PHE A 256 14.12 -13.24 -21.75
CA PHE A 256 14.60 -12.45 -22.88
C PHE A 256 16.09 -12.18 -22.77
N GLY A 257 16.62 -12.12 -21.54
CA GLY A 257 18.04 -11.86 -21.37
C GLY A 257 18.90 -12.98 -21.93
N GLU A 258 18.44 -14.22 -21.81
CA GLU A 258 19.22 -15.37 -22.26
C GLU A 258 18.97 -15.72 -23.72
N GLN A 259 17.73 -15.55 -24.19
CA GLN A 259 17.50 -15.60 -25.64
C GLN A 259 18.35 -14.55 -26.33
N LEU A 260 18.64 -13.45 -25.65
CA LEU A 260 19.57 -12.45 -26.19
C LEU A 260 21.01 -12.95 -26.16
N SER A 261 21.36 -13.77 -25.15
CA SER A 261 22.69 -14.36 -25.12
C SER A 261 22.88 -15.33 -26.29
N LYS A 262 21.91 -16.24 -26.47
CA LYS A 262 21.94 -17.15 -27.61
C LYS A 262 22.09 -16.39 -28.92
N VAL A 263 21.28 -15.35 -29.09
CA VAL A 263 21.23 -14.64 -30.37
C VAL A 263 22.54 -13.93 -30.66
N ILE A 264 23.12 -13.26 -29.65
CA ILE A 264 24.42 -12.64 -29.83
C ILE A 264 25.45 -13.68 -30.26
N SER A 265 25.49 -14.81 -29.55
CA SER A 265 26.50 -15.82 -29.83
C SER A 265 26.37 -16.38 -31.24
N LEU A 266 25.14 -16.59 -31.70
CA LEU A 266 24.93 -17.15 -33.04
C LEU A 266 25.40 -16.19 -34.11
N ILE A 267 24.95 -14.93 -34.05
CA ILE A 267 25.39 -13.92 -35.01
C ILE A 267 26.91 -13.82 -35.01
N CYS A 268 27.51 -13.81 -33.83
CA CYS A 268 28.97 -13.75 -33.72
C CYS A 268 29.61 -14.93 -34.45
N VAL A 269 29.05 -16.12 -34.29
CA VAL A 269 29.56 -17.29 -35.00
C VAL A 269 29.31 -17.16 -36.50
N ALA A 270 28.15 -16.60 -36.88
CA ALA A 270 27.78 -16.54 -38.28
C ALA A 270 28.76 -15.69 -39.09
N VAL A 271 29.14 -14.52 -38.55
CA VAL A 271 30.01 -13.62 -39.31
C VAL A 271 31.44 -14.16 -39.35
N TRP A 272 31.92 -14.72 -38.24
CA TRP A 272 33.19 -15.44 -38.28
C TRP A 272 33.14 -16.58 -39.29
N LEU A 273 31.95 -17.14 -39.52
CA LEU A 273 31.77 -18.22 -40.47
C LEU A 273 31.61 -17.68 -41.89
N ILE A 274 30.86 -16.60 -42.07
CA ILE A 274 30.67 -16.02 -43.39
C ILE A 274 32.01 -15.59 -43.98
N ASN A 275 32.87 -14.99 -43.15
CA ASN A 275 34.19 -14.56 -43.60
C ASN A 275 35.07 -15.76 -43.91
N ILE A 276 35.03 -16.25 -45.15
CA ILE A 276 35.85 -17.37 -45.60
C ILE A 276 36.84 -16.85 -46.63
N GLY A 277 38.09 -17.26 -46.49
CA GLY A 277 39.14 -16.85 -47.41
C GLY A 277 40.06 -15.79 -46.84
N TRP A 288 45.39 -13.65 -38.66
CA TRP A 288 46.01 -12.35 -38.91
C TRP A 288 45.72 -11.36 -37.81
N ILE A 289 46.66 -10.44 -37.60
CA ILE A 289 46.49 -9.39 -36.59
C ILE A 289 45.33 -8.49 -36.97
N ARG A 290 45.38 -7.92 -38.18
CA ARG A 290 44.35 -6.97 -38.61
C ARG A 290 42.98 -7.62 -38.72
N GLY A 291 42.91 -8.95 -38.79
CA GLY A 291 41.65 -9.65 -38.85
C GLY A 291 41.10 -10.01 -37.49
N ALA A 292 41.98 -10.43 -36.57
CA ALA A 292 41.55 -10.72 -35.21
C ALA A 292 40.89 -9.51 -34.57
N ILE A 293 41.24 -8.32 -35.04
CA ILE A 293 40.57 -7.10 -34.62
C ILE A 293 39.08 -7.17 -34.96
N TYR A 294 38.78 -7.64 -36.17
CA TYR A 294 37.48 -7.36 -36.77
C TYR A 294 36.34 -8.04 -36.01
N TYR A 295 36.38 -9.36 -35.91
CA TYR A 295 35.25 -10.02 -35.25
C TYR A 295 35.30 -9.94 -33.73
N PHE A 296 36.24 -9.17 -33.17
CA PHE A 296 36.15 -8.73 -31.77
C PHE A 296 35.52 -7.36 -31.68
N LYS A 297 35.92 -6.44 -32.57
CA LYS A 297 35.29 -5.13 -32.66
C LYS A 297 33.79 -5.23 -32.81
N ILE A 298 33.34 -6.09 -33.73
CA ILE A 298 31.91 -6.22 -34.01
C ILE A 298 31.21 -6.95 -32.88
N ALA A 299 31.91 -7.86 -32.18
CA ALA A 299 31.33 -8.50 -31.00
C ALA A 299 30.99 -7.47 -29.92
N VAL A 300 31.89 -6.51 -29.70
CA VAL A 300 31.57 -5.38 -28.83
C VAL A 300 30.41 -4.59 -29.39
N ALA A 301 30.48 -4.25 -30.68
CA ALA A 301 29.35 -3.60 -31.33
C ALA A 301 28.09 -4.43 -31.21
N LEU A 302 28.23 -5.76 -31.29
CA LEU A 302 27.09 -6.65 -31.10
C LEU A 302 26.54 -6.52 -29.68
N ALA A 303 27.40 -6.71 -28.68
CA ALA A 303 26.95 -6.72 -27.29
C ALA A 303 26.25 -5.41 -26.93
N VAL A 304 26.88 -4.29 -27.26
CA VAL A 304 26.30 -2.98 -26.96
C VAL A 304 24.98 -2.78 -27.70
N ALA A 305 24.87 -3.32 -28.92
CA ALA A 305 23.65 -3.12 -29.70
C ALA A 305 22.50 -3.98 -29.21
N ALA A 306 22.78 -5.11 -28.58
CA ALA A 306 21.71 -6.01 -28.17
C ALA A 306 21.10 -5.62 -26.82
N ILE A 307 21.92 -5.10 -25.90
CA ILE A 307 21.50 -4.89 -24.51
C ILE A 307 20.77 -3.55 -24.39
N PRO A 308 19.59 -3.51 -23.77
CA PRO A 308 18.86 -2.24 -23.67
C PRO A 308 19.57 -1.19 -22.84
N GLU A 309 20.55 -1.58 -22.03
CA GLU A 309 21.43 -0.66 -21.32
C GLU A 309 20.69 0.25 -20.34
N GLY A 310 19.82 1.11 -20.87
CA GLY A 310 19.08 2.06 -20.07
C GLY A 310 17.74 1.60 -19.56
N LEU A 311 17.30 0.39 -19.93
CA LEU A 311 15.99 -0.10 -19.50
C LEU A 311 15.79 -0.10 -17.99
N PRO A 312 16.73 -0.60 -17.16
CA PRO A 312 16.50 -0.52 -15.71
C PRO A 312 16.34 0.90 -15.21
N ALA A 313 17.08 1.86 -15.78
CA ALA A 313 16.90 3.25 -15.38
C ALA A 313 15.49 3.74 -15.67
N VAL A 314 14.97 3.40 -16.86
CA VAL A 314 13.62 3.84 -17.22
C VAL A 314 12.58 3.12 -16.38
N ILE A 315 12.78 1.82 -16.13
CA ILE A 315 11.83 1.04 -15.34
C ILE A 315 11.71 1.62 -13.93
N THR A 316 12.85 1.76 -13.25
CA THR A 316 12.83 2.23 -11.87
C THR A 316 12.44 3.70 -11.76
N THR A 317 12.40 4.43 -12.87
CA THR A 317 11.95 5.82 -12.83
C THR A 317 10.44 5.93 -12.95
N CYS A 318 9.85 5.27 -13.95
CA CYS A 318 8.40 5.30 -14.10
C CYS A 318 7.69 4.65 -12.92
N LEU A 319 8.37 3.72 -12.23
CA LEU A 319 7.82 3.17 -11.00
C LEU A 319 7.80 4.23 -9.91
N ALA A 320 8.93 4.92 -9.72
CA ALA A 320 9.01 5.93 -8.67
C ALA A 320 7.95 7.01 -8.85
N LEU A 321 7.75 7.47 -10.08
CA LEU A 321 6.76 8.52 -10.32
C LEU A 321 5.35 7.98 -10.23
N GLY A 322 5.16 6.69 -10.57
CA GLY A 322 3.86 6.07 -10.36
C GLY A 322 3.58 5.92 -8.87
N THR A 323 4.58 5.49 -8.10
CA THR A 323 4.42 5.37 -6.65
C THR A 323 3.94 6.69 -6.04
N ARG A 324 4.56 7.80 -6.46
CA ARG A 324 4.17 9.11 -5.92
C ARG A 324 2.79 9.52 -6.41
N ARG A 325 2.44 9.14 -7.65
CA ARG A 325 1.07 9.34 -8.14
C ARG A 325 0.08 8.62 -7.22
N MET A 326 0.29 7.32 -7.03
CA MET A 326 -0.56 6.55 -6.13
C MET A 326 -0.52 7.11 -4.73
N ALA A 327 0.68 7.47 -4.25
CA ALA A 327 0.83 7.96 -2.89
C ALA A 327 0.03 9.23 -2.65
N LYS A 328 -0.19 10.03 -3.69
CA LYS A 328 -1.05 11.20 -3.58
C LYS A 328 -2.52 10.88 -3.76
N LYS A 329 -2.84 9.66 -4.20
CA LYS A 329 -4.20 9.13 -4.18
C LYS A 329 -4.48 8.34 -2.92
N ASN A 330 -3.73 8.60 -1.84
CA ASN A 330 -3.89 7.99 -0.52
C ASN A 330 -3.49 6.51 -0.49
N ALA A 331 -2.81 6.01 -1.52
CA ALA A 331 -2.38 4.62 -1.61
C ALA A 331 -0.87 4.56 -1.42
N ILE A 332 -0.44 4.11 -0.24
CA ILE A 332 0.96 4.19 0.17
C ILE A 332 1.58 2.81 -0.08
N VAL A 333 2.34 2.70 -1.17
CA VAL A 333 2.91 1.42 -1.60
C VAL A 333 4.14 1.13 -0.76
N ARG A 334 4.06 0.12 0.10
CA ARG A 334 5.24 -0.34 0.83
C ARG A 334 6.12 -1.22 -0.05
N SER A 335 5.60 -2.37 -0.47
CA SER A 335 6.34 -3.29 -1.33
C SER A 335 6.21 -2.86 -2.79
N LEU A 336 7.35 -2.62 -3.44
CA LEU A 336 7.36 -2.15 -4.81
C LEU A 336 6.88 -3.21 -5.80
N PRO A 337 7.23 -4.51 -5.64
CA PRO A 337 6.64 -5.53 -6.52
C PRO A 337 5.13 -5.53 -6.57
N SER A 338 4.47 -4.89 -5.59
CA SER A 338 3.02 -4.86 -5.57
C SER A 338 2.44 -4.19 -6.81
N VAL A 339 3.07 -3.09 -7.26
CA VAL A 339 2.50 -2.32 -8.37
C VAL A 339 2.30 -3.22 -9.59
N GLU A 340 3.18 -4.20 -9.77
CA GLU A 340 2.96 -5.20 -10.81
C GLU A 340 1.78 -6.09 -10.44
N THR A 341 1.77 -6.58 -9.20
CA THR A 341 0.71 -7.48 -8.75
C THR A 341 -0.66 -6.80 -8.78
N LEU A 342 -0.71 -5.48 -8.56
CA LEU A 342 -1.98 -4.79 -8.44
C LEU A 342 -2.84 -4.93 -9.70
N GLY A 343 -2.21 -5.01 -10.87
CA GLY A 343 -2.98 -5.20 -12.10
C GLY A 343 -3.62 -6.58 -12.23
N CYS A 344 -3.08 -7.57 -11.53
CA CYS A 344 -3.57 -8.93 -11.60
C CYS A 344 -4.58 -9.25 -10.50
N THR A 345 -5.18 -8.22 -9.90
CA THR A 345 -6.07 -8.40 -8.75
C THR A 345 -7.40 -8.97 -9.22
N SER A 346 -7.72 -10.18 -8.75
CA SER A 346 -8.98 -10.81 -9.15
C SER A 346 -10.08 -10.67 -8.12
N VAL A 347 -9.73 -10.60 -6.83
CA VAL A 347 -10.71 -10.44 -5.77
C VAL A 347 -10.17 -9.49 -4.71
N ILE A 348 -10.88 -8.38 -4.49
CA ILE A 348 -10.64 -7.52 -3.34
C ILE A 348 -11.54 -8.00 -2.20
N CYS A 349 -10.94 -8.21 -1.04
CA CYS A 349 -11.67 -8.69 0.14
C CYS A 349 -11.43 -7.68 1.26
N SER A 350 -12.47 -6.95 1.64
CA SER A 350 -12.29 -5.83 2.56
C SER A 350 -13.36 -5.86 3.64
N ASP A 351 -13.02 -5.24 4.77
CA ASP A 351 -13.92 -5.13 5.90
C ASP A 351 -14.91 -3.98 5.68
N LYS A 352 -16.08 -4.09 6.30
CA LYS A 352 -17.15 -3.11 6.10
C LYS A 352 -16.89 -1.83 6.89
N THR A 353 -16.78 -1.95 8.21
CA THR A 353 -16.77 -0.78 9.08
C THR A 353 -15.47 0.01 8.92
N GLY A 354 -15.60 1.31 8.67
CA GLY A 354 -14.47 2.19 8.53
C GLY A 354 -13.85 2.23 7.15
N THR A 355 -14.09 1.23 6.31
CA THR A 355 -13.53 1.14 4.97
C THR A 355 -14.58 1.23 3.88
N LEU A 356 -15.68 0.49 4.00
CA LEU A 356 -16.83 0.69 3.14
C LEU A 356 -17.78 1.76 3.68
N THR A 357 -17.67 2.10 4.95
CA THR A 357 -18.51 3.08 5.60
C THR A 357 -17.62 4.10 6.30
N THR A 358 -18.25 5.18 6.77
CA THR A 358 -17.49 6.28 7.37
C THR A 358 -17.02 5.97 8.78
N ASN A 359 -17.58 4.93 9.43
CA ASN A 359 -17.36 4.68 10.86
C ASN A 359 -17.75 5.91 11.69
N GLN A 360 -18.72 6.67 11.22
CA GLN A 360 -19.22 7.86 11.90
C GLN A 360 -20.59 7.51 12.48
N MET A 361 -20.58 6.99 13.71
CA MET A 361 -21.77 6.39 14.31
C MET A 361 -22.73 7.44 14.81
N SER A 362 -24.03 7.12 14.70
CA SER A 362 -25.10 7.94 15.23
C SER A 362 -26.31 7.07 15.48
N VAL A 363 -26.85 7.10 16.70
CA VAL A 363 -28.09 6.39 16.99
C VAL A 363 -29.22 7.03 16.19
N CYS A 364 -29.77 6.27 15.24
CA CYS A 364 -30.83 6.75 14.35
C CYS A 364 -32.23 6.50 14.88
N LYS A 365 -32.47 5.34 15.48
CA LYS A 365 -33.79 4.98 15.99
C LYS A 365 -33.65 4.21 17.29
N MET A 366 -34.76 4.19 18.06
CA MET A 366 -34.81 3.46 19.32
C MET A 366 -36.26 3.21 19.65
N PHE A 367 -36.53 2.10 20.35
CA PHE A 367 -37.90 1.81 20.76
C PHE A 367 -37.91 1.20 22.16
N ILE A 368 -39.00 1.48 22.86
CA ILE A 368 -39.32 0.86 24.14
C ILE A 368 -40.73 0.30 24.02
N ILE A 369 -41.12 -0.49 25.01
CA ILE A 369 -42.44 -1.10 25.02
C ILE A 369 -43.48 -0.07 25.44
N ASP A 370 -44.60 -0.04 24.74
CA ASP A 370 -45.72 0.85 25.08
C ASP A 370 -46.68 0.14 26.01
N LYS A 371 -47.43 -0.83 25.48
CA LYS A 371 -48.43 -1.56 26.23
C LYS A 371 -48.33 -3.05 25.91
N VAL A 372 -48.92 -3.87 26.79
CA VAL A 372 -48.96 -5.33 26.64
C VAL A 372 -50.30 -5.82 27.16
N ASP A 373 -51.11 -6.41 26.28
CA ASP A 373 -52.40 -7.01 26.66
C ASP A 373 -52.48 -8.37 26.00
N GLY A 374 -52.27 -9.43 26.79
CA GLY A 374 -52.39 -10.79 26.30
C GLY A 374 -51.44 -11.10 25.16
N ASP A 375 -51.99 -11.36 23.97
CA ASP A 375 -51.17 -11.60 22.80
C ASP A 375 -50.67 -10.32 22.15
N PHE A 376 -51.37 -9.21 22.36
CA PHE A 376 -51.02 -7.95 21.72
C PHE A 376 -49.87 -7.26 22.46
N CYS A 377 -49.05 -6.54 21.69
CA CYS A 377 -47.90 -5.83 22.24
C CYS A 377 -47.59 -4.65 21.32
N SER A 378 -47.93 -3.45 21.77
CA SER A 378 -47.60 -2.22 21.06
C SER A 378 -46.20 -1.74 21.42
N LEU A 379 -45.67 -0.85 20.61
CA LEU A 379 -44.32 -0.33 20.81
C LEU A 379 -44.30 1.18 20.62
N ASN A 380 -43.41 1.84 21.36
CA ASN A 380 -43.12 3.25 21.19
C ASN A 380 -41.80 3.37 20.45
N GLU A 381 -41.86 3.70 19.17
CA GLU A 381 -40.67 3.85 18.35
C GLU A 381 -40.26 5.32 18.28
N PHE A 382 -38.97 5.59 18.41
CA PHE A 382 -38.45 6.95 18.42
C PHE A 382 -37.34 7.10 17.39
N SER A 383 -37.20 8.33 16.89
CA SER A 383 -36.18 8.66 15.91
C SER A 383 -35.47 9.94 16.35
N ILE A 384 -34.20 10.06 15.96
CA ILE A 384 -33.35 11.15 16.45
C ILE A 384 -32.67 11.81 15.26
N THR A 385 -32.84 13.12 15.13
CA THR A 385 -32.17 13.88 14.09
C THR A 385 -30.72 14.16 14.48
N GLY A 386 -29.89 14.45 13.48
CA GLY A 386 -28.49 14.72 13.72
C GLY A 386 -27.63 13.49 13.64
N SER A 387 -26.62 13.51 12.75
CA SER A 387 -25.78 12.35 12.51
C SER A 387 -24.34 12.52 12.93
N THR A 388 -23.92 13.72 13.33
CA THR A 388 -22.60 13.89 13.90
C THR A 388 -22.61 13.53 15.39
N TYR A 389 -21.43 13.49 16.00
CA TYR A 389 -21.35 13.28 17.44
C TYR A 389 -21.79 14.51 18.23
N ALA A 390 -22.22 15.56 17.55
CA ALA A 390 -22.64 16.78 18.24
C ALA A 390 -23.90 16.50 19.05
N PRO A 391 -23.99 17.01 20.25
CA PRO A 391 -25.18 16.81 21.10
C PRO A 391 -26.29 17.80 20.74
N GLU A 392 -26.81 17.66 19.52
CA GLU A 392 -27.85 18.54 19.01
C GLU A 392 -28.85 17.72 18.20
N GLY A 393 -30.12 18.08 18.32
CA GLY A 393 -31.15 17.40 17.56
C GLY A 393 -32.37 17.01 18.37
N GLU A 394 -33.49 16.78 17.69
CA GLU A 394 -34.72 16.39 18.36
C GLU A 394 -34.75 14.89 18.64
N VAL A 395 -35.70 14.50 19.49
CA VAL A 395 -36.12 13.12 19.66
C VAL A 395 -37.57 13.05 19.22
N LEU A 396 -37.86 12.21 18.23
CA LEU A 396 -39.12 12.25 17.50
C LEU A 396 -39.98 11.02 17.79
N LYS A 397 -41.27 11.26 17.98
CA LYS A 397 -42.29 10.23 17.91
C LYS A 397 -43.33 10.68 16.91
N ASN A 398 -43.49 9.93 15.82
CA ASN A 398 -44.39 10.26 14.73
C ASN A 398 -44.09 11.65 14.17
N ASP A 399 -42.80 11.88 13.88
CA ASP A 399 -42.31 13.08 13.23
C ASP A 399 -42.63 14.35 14.02
N LYS A 400 -42.67 14.25 15.35
CA LYS A 400 -42.98 15.38 16.20
C LYS A 400 -42.12 15.33 17.46
N PRO A 401 -41.77 16.49 18.02
CA PRO A 401 -40.80 16.51 19.13
C PRO A 401 -41.37 15.90 20.40
N ILE A 402 -40.48 15.27 21.17
CA ILE A 402 -40.85 14.54 22.37
C ILE A 402 -39.84 14.86 23.46
N ARG A 403 -40.31 15.35 24.61
CA ARG A 403 -39.47 15.44 25.79
C ARG A 403 -39.21 14.02 26.30
N SER A 404 -37.96 13.56 26.15
CA SER A 404 -37.64 12.16 26.40
C SER A 404 -37.94 11.76 27.83
N GLY A 405 -37.71 12.66 28.79
CA GLY A 405 -37.88 12.34 30.19
C GLY A 405 -39.31 12.01 30.60
N GLN A 406 -40.29 12.22 29.71
CA GLN A 406 -41.66 11.90 30.05
C GLN A 406 -41.94 10.41 30.01
N PHE A 407 -41.13 9.65 29.29
CA PHE A 407 -41.26 8.19 29.22
C PHE A 407 -40.27 7.55 30.18
N ASP A 408 -40.78 6.81 31.16
CA ASP A 408 -39.90 6.14 32.11
C ASP A 408 -39.04 5.08 31.43
N GLY A 409 -39.54 4.49 30.34
CA GLY A 409 -38.74 3.53 29.60
C GLY A 409 -37.53 4.16 28.94
N LEU A 410 -37.67 5.39 28.46
CA LEU A 410 -36.54 6.09 27.86
C LEU A 410 -35.52 6.51 28.92
N VAL A 411 -35.99 6.83 30.13
CA VAL A 411 -35.07 7.21 31.21
C VAL A 411 -34.14 6.04 31.53
N GLU A 412 -34.68 4.83 31.55
CA GLU A 412 -33.85 3.66 31.81
C GLU A 412 -32.93 3.36 30.65
N LEU A 413 -33.42 3.56 29.42
CA LEU A 413 -32.57 3.40 28.24
C LEU A 413 -31.37 4.35 28.31
N ALA A 414 -31.63 5.62 28.63
CA ALA A 414 -30.55 6.60 28.69
C ALA A 414 -29.53 6.23 29.76
N THR A 415 -30.01 5.74 30.90
CA THR A 415 -29.10 5.31 31.97
C THR A 415 -28.19 4.19 31.49
N ILE A 416 -28.78 3.16 30.88
CA ILE A 416 -28.00 2.02 30.42
C ILE A 416 -26.94 2.46 29.40
N CYS A 417 -27.32 3.33 28.47
CA CYS A 417 -26.36 3.81 27.48
C CYS A 417 -25.21 4.57 28.14
N ALA A 418 -25.54 5.49 29.06
CA ALA A 418 -24.51 6.31 29.67
C ALA A 418 -23.60 5.50 30.58
N LEU A 419 -24.10 4.39 31.12
CA LEU A 419 -23.34 3.56 32.04
C LEU A 419 -22.65 2.38 31.37
N CYS A 420 -23.31 1.67 30.45
CA CYS A 420 -22.64 0.62 29.70
C CYS A 420 -21.74 1.27 28.65
N ASN A 421 -20.79 2.10 29.10
CA ASN A 421 -20.06 2.98 28.19
C ASN A 421 -18.70 3.27 28.78
N ASP A 422 -17.66 3.15 27.96
CA ASP A 422 -16.28 3.43 28.35
C ASP A 422 -15.69 4.58 27.56
N SER A 423 -16.52 5.35 26.86
CA SER A 423 -16.10 6.43 25.98
C SER A 423 -16.78 7.72 26.41
N SER A 424 -16.49 8.80 25.68
CA SER A 424 -17.00 10.12 26.05
C SER A 424 -16.98 11.03 24.83
N LEU A 425 -17.53 12.22 25.03
CA LEU A 425 -17.55 13.27 24.01
C LEU A 425 -16.52 14.33 24.37
N ASP A 426 -15.94 14.95 23.34
CA ASP A 426 -15.00 16.03 23.54
C ASP A 426 -15.31 17.15 22.56
N PHE A 427 -14.98 18.38 22.96
CA PHE A 427 -15.13 19.54 22.09
C PHE A 427 -13.73 19.99 21.67
N ASN A 428 -13.43 19.81 20.39
CA ASN A 428 -12.18 20.32 19.83
C ASN A 428 -12.23 21.83 19.81
N GLU A 429 -11.48 22.48 20.71
CA GLU A 429 -11.56 23.92 20.85
C GLU A 429 -11.17 24.64 19.55
N THR A 430 -10.26 24.06 18.78
CA THR A 430 -9.79 24.74 17.58
C THR A 430 -10.72 24.52 16.39
N LYS A 431 -11.05 23.26 16.11
CA LYS A 431 -11.92 22.94 14.98
C LYS A 431 -13.36 23.39 15.20
N GLY A 432 -13.77 23.58 16.46
CA GLY A 432 -15.14 23.97 16.73
C GLY A 432 -16.15 22.89 16.44
N VAL A 433 -15.75 21.61 16.58
CA VAL A 433 -16.62 20.48 16.33
C VAL A 433 -16.48 19.51 17.50
N TYR A 434 -17.46 18.63 17.63
CA TYR A 434 -17.44 17.58 18.64
C TYR A 434 -16.76 16.34 18.06
N GLU A 435 -15.86 15.75 18.83
CA GLU A 435 -15.00 14.68 18.34
C GLU A 435 -15.15 13.42 19.18
N LYS A 436 -14.69 12.32 18.61
CA LYS A 436 -14.81 11.01 19.22
C LYS A 436 -13.67 10.77 20.20
N VAL A 437 -14.03 10.45 21.44
CA VAL A 437 -13.07 9.96 22.43
C VAL A 437 -13.37 8.48 22.63
N GLY A 438 -12.39 7.63 22.34
CA GLY A 438 -12.64 6.23 22.52
C GLY A 438 -13.40 5.62 21.35
N GLU A 439 -14.15 4.57 21.64
CA GLU A 439 -14.83 3.82 20.59
C GLU A 439 -15.94 4.64 19.96
N ALA A 440 -16.11 4.48 18.64
CA ALA A 440 -17.13 5.23 17.92
C ALA A 440 -18.53 4.76 18.29
N THR A 441 -18.74 3.45 18.37
CA THR A 441 -20.08 2.93 18.66
C THR A 441 -20.55 3.31 20.05
N GLU A 442 -19.62 3.51 20.99
CA GLU A 442 -20.01 3.94 22.33
C GLU A 442 -20.28 5.43 22.38
N THR A 443 -19.46 6.23 21.69
CA THR A 443 -19.68 7.68 21.65
C THR A 443 -21.03 8.00 21.03
N ALA A 444 -21.52 7.17 20.10
CA ALA A 444 -22.85 7.35 19.56
C ALA A 444 -23.91 7.34 20.67
N LEU A 445 -23.70 6.48 21.67
CA LEU A 445 -24.61 6.44 22.81
C LEU A 445 -24.43 7.68 23.69
N THR A 446 -23.18 8.13 23.86
CA THR A 446 -22.93 9.34 24.62
C THR A 446 -23.70 10.52 24.04
N THR A 447 -23.65 10.68 22.72
CA THR A 447 -24.37 11.77 22.06
C THR A 447 -25.87 11.60 22.22
N LEU A 448 -26.36 10.35 22.16
CA LEU A 448 -27.78 10.08 22.31
C LEU A 448 -28.29 10.53 23.68
N VAL A 449 -27.52 10.25 24.73
CA VAL A 449 -27.92 10.62 26.09
C VAL A 449 -28.06 12.14 26.19
N GLU A 450 -27.08 12.86 25.64
CA GLU A 450 -27.12 14.33 25.70
C GLU A 450 -28.30 14.88 24.91
N LYS A 451 -28.69 14.22 23.83
CA LYS A 451 -29.85 14.66 23.07
C LYS A 451 -31.15 14.34 23.80
N MET A 452 -31.21 13.22 24.51
CA MET A 452 -32.42 12.87 25.24
C MET A 452 -32.61 13.78 26.45
N ASN A 453 -31.58 13.91 27.28
CA ASN A 453 -31.63 14.72 28.51
C ASN A 453 -32.86 14.36 29.33
N VAL A 454 -32.79 13.17 29.93
CA VAL A 454 -33.97 12.57 30.54
C VAL A 454 -34.37 13.24 31.85
N PHE A 455 -33.45 13.96 32.50
CA PHE A 455 -33.75 14.64 33.75
C PHE A 455 -33.92 16.13 33.57
N ASN A 456 -34.01 16.61 32.32
CA ASN A 456 -34.21 18.02 32.02
C ASN A 456 -33.15 18.90 32.69
N THR A 457 -31.91 18.39 32.70
CA THR A 457 -30.79 19.19 33.17
C THR A 457 -30.67 20.48 32.38
N GLU A 458 -30.60 21.60 33.09
CA GLU A 458 -30.42 22.88 32.42
C GLU A 458 -29.06 22.91 31.73
N VAL A 459 -29.08 23.01 30.41
CA VAL A 459 -27.86 22.98 29.61
C VAL A 459 -27.73 24.19 28.69
N ARG A 460 -28.75 25.04 28.60
CA ARG A 460 -28.74 26.12 27.61
C ARG A 460 -27.59 27.07 27.83
N ASN A 461 -27.42 27.56 29.06
CA ASN A 461 -26.38 28.53 29.38
C ASN A 461 -25.01 27.89 29.61
N LEU A 462 -24.84 26.62 29.29
CA LEU A 462 -23.53 25.97 29.41
C LEU A 462 -22.63 26.44 28.26
N SER A 463 -21.44 25.85 28.19
CA SER A 463 -20.52 26.11 27.10
C SER A 463 -20.40 24.87 26.21
N LYS A 464 -19.91 25.09 24.99
CA LYS A 464 -19.73 24.01 24.04
C LYS A 464 -18.87 22.89 24.62
N VAL A 465 -17.98 23.22 25.55
CA VAL A 465 -17.17 22.21 26.22
C VAL A 465 -17.98 21.48 27.28
N GLU A 466 -18.53 22.24 28.24
CA GLU A 466 -19.27 21.62 29.34
C GLU A 466 -20.45 20.79 28.83
N ARG A 467 -21.13 21.29 27.79
CA ARG A 467 -22.30 20.61 27.22
C ARG A 467 -21.98 19.22 26.69
N ALA A 468 -20.71 18.89 26.49
CA ALA A 468 -20.37 17.63 25.82
C ALA A 468 -20.75 16.40 26.65
N ASN A 469 -20.76 16.51 27.99
CA ASN A 469 -21.04 15.35 28.82
C ASN A 469 -21.90 15.66 30.04
N ALA A 470 -22.64 16.77 30.01
CA ALA A 470 -23.48 17.15 31.15
C ALA A 470 -24.46 16.04 31.52
N CYS A 471 -25.30 15.62 30.57
CA CYS A 471 -26.35 14.66 30.89
C CYS A 471 -25.76 13.30 31.24
N ASN A 472 -24.68 12.90 30.56
CA ASN A 472 -23.98 11.68 30.96
C ASN A 472 -23.47 11.77 32.39
N SER A 473 -22.94 12.94 32.76
CA SER A 473 -22.44 13.10 34.12
C SER A 473 -23.59 13.06 35.14
N VAL A 474 -24.79 13.49 34.75
CA VAL A 474 -25.90 13.48 35.69
C VAL A 474 -26.29 12.05 36.05
N ILE A 475 -26.34 11.16 35.06
CA ILE A 475 -26.57 9.75 35.33
C ILE A 475 -25.45 9.19 36.21
N ARG A 476 -24.21 9.57 35.91
CA ARG A 476 -23.09 9.18 36.75
C ARG A 476 -23.26 9.69 38.18
N GLN A 477 -23.98 10.81 38.35
CA GLN A 477 -24.30 11.28 39.69
C GLN A 477 -25.35 10.42 40.37
N LEU A 478 -26.11 9.64 39.61
CA LEU A 478 -27.15 8.78 40.19
C LEU A 478 -26.62 7.38 40.49
N MET A 479 -26.13 6.69 39.46
CA MET A 479 -25.62 5.32 39.62
C MET A 479 -24.10 5.33 39.53
N LYS A 480 -23.45 4.73 40.52
CA LYS A 480 -22.01 4.63 40.60
C LYS A 480 -21.55 3.33 39.95
N LYS A 481 -20.82 3.43 38.85
CA LYS A 481 -20.34 2.24 38.13
C LYS A 481 -19.33 1.51 39.01
N GLU A 482 -19.78 0.43 39.65
CA GLU A 482 -18.90 -0.32 40.55
C GLU A 482 -17.85 -1.09 39.77
N PHE A 483 -18.26 -1.86 38.76
CA PHE A 483 -17.34 -2.56 37.88
C PHE A 483 -18.09 -2.97 36.63
N THR A 484 -17.32 -3.43 35.64
CA THR A 484 -17.82 -3.76 34.31
C THR A 484 -17.62 -5.24 34.02
N LEU A 485 -18.57 -5.84 33.32
CA LEU A 485 -18.44 -7.19 32.80
C LEU A 485 -18.14 -7.09 31.31
N GLU A 486 -16.90 -7.38 30.93
CA GLU A 486 -16.43 -7.13 29.57
C GLU A 486 -17.23 -7.94 28.55
N PHE A 487 -17.23 -7.45 27.31
CA PHE A 487 -17.93 -8.11 26.22
C PHE A 487 -17.22 -9.40 25.81
N SER A 488 -17.98 -10.48 25.68
CA SER A 488 -17.50 -11.71 25.08
C SER A 488 -18.26 -11.97 23.80
N ARG A 489 -17.62 -12.68 22.88
CA ARG A 489 -18.27 -12.98 21.60
C ARG A 489 -19.17 -14.20 21.66
N ASP A 490 -18.99 -15.07 22.67
CA ASP A 490 -19.87 -16.23 22.80
C ASP A 490 -21.29 -15.79 23.16
N ARG A 491 -21.42 -14.78 24.02
CA ARG A 491 -22.73 -14.27 24.43
C ARG A 491 -23.11 -12.97 23.74
N LYS A 492 -22.14 -12.24 23.18
CA LYS A 492 -22.40 -11.02 22.42
C LYS A 492 -23.15 -9.98 23.25
N SER A 493 -22.59 -9.66 24.42
CA SER A 493 -23.18 -8.68 25.31
C SER A 493 -22.19 -8.32 26.41
N MET A 494 -22.43 -7.19 27.07
CA MET A 494 -21.63 -6.74 28.20
C MET A 494 -22.57 -6.13 29.23
N SER A 495 -22.09 -6.01 30.47
CA SER A 495 -22.91 -5.46 31.53
C SER A 495 -22.03 -4.73 32.54
N VAL A 496 -22.68 -3.85 33.32
CA VAL A 496 -22.00 -3.06 34.34
C VAL A 496 -22.81 -3.15 35.62
N TYR A 497 -22.10 -3.32 36.74
CA TYR A 497 -22.70 -3.42 38.07
C TYR A 497 -22.64 -2.05 38.72
N CYS A 498 -23.80 -1.49 39.05
CA CYS A 498 -23.87 -0.15 39.62
C CYS A 498 -24.61 -0.18 40.94
N SER A 499 -24.32 0.80 41.78
CA SER A 499 -24.97 1.01 43.06
C SER A 499 -25.37 2.47 43.20
N PRO A 500 -26.45 2.76 43.93
CA PRO A 500 -26.86 4.16 44.09
C PRO A 500 -25.80 4.99 44.79
N ALA A 501 -25.66 6.24 44.35
CA ALA A 501 -24.66 7.14 44.90
C ALA A 501 -25.26 8.37 45.58
N LYS A 502 -26.56 8.65 45.39
CA LYS A 502 -27.16 9.84 45.98
C LYS A 502 -27.18 9.77 47.49
N SER A 503 -27.31 8.57 48.05
CA SER A 503 -27.27 8.33 49.50
C SER A 503 -28.46 8.97 50.22
N SER A 504 -28.99 10.07 49.68
CA SER A 504 -30.25 10.62 50.20
C SER A 504 -31.44 9.79 49.72
N ARG A 505 -31.51 9.54 48.43
CA ARG A 505 -32.47 8.57 47.90
C ARG A 505 -32.11 7.18 48.39
N ALA A 506 -33.12 6.43 48.82
CA ALA A 506 -32.89 5.17 49.51
C ALA A 506 -33.65 4.03 48.84
N ALA A 507 -33.13 2.82 49.05
CA ALA A 507 -33.81 1.56 48.76
C ALA A 507 -33.96 1.26 47.27
N VAL A 508 -33.17 1.90 46.41
CA VAL A 508 -33.20 1.54 45.00
C VAL A 508 -32.57 0.16 44.79
N GLY A 509 -31.45 -0.10 45.45
CA GLY A 509 -30.76 -1.37 45.33
C GLY A 509 -29.70 -1.36 44.25
N ASN A 510 -28.80 -2.34 44.32
CA ASN A 510 -27.81 -2.53 43.27
C ASN A 510 -28.48 -3.06 42.00
N LYS A 511 -27.94 -2.66 40.86
CA LYS A 511 -28.46 -3.06 39.55
C LYS A 511 -27.32 -3.61 38.69
N MET A 512 -27.72 -4.17 37.56
CA MET A 512 -26.78 -4.57 36.51
C MET A 512 -27.41 -4.17 35.19
N PHE A 513 -26.71 -3.36 34.41
CA PHE A 513 -27.21 -2.87 33.14
C PHE A 513 -26.48 -3.57 32.01
N VAL A 514 -27.25 -4.21 31.12
CA VAL A 514 -26.70 -5.10 30.10
C VAL A 514 -27.06 -4.53 28.74
N LYS A 515 -26.05 -4.35 27.89
CA LYS A 515 -26.25 -4.05 26.48
C LYS A 515 -25.54 -5.10 25.65
N GLY A 516 -26.13 -5.44 24.50
CA GLY A 516 -25.54 -6.44 23.65
C GLY A 516 -26.39 -6.71 22.42
N ALA A 517 -25.94 -7.67 21.63
CA ALA A 517 -26.63 -8.03 20.41
C ALA A 517 -28.02 -8.57 20.74
N PRO A 518 -29.07 -8.14 20.04
CA PRO A 518 -30.43 -8.48 20.46
C PRO A 518 -30.72 -9.97 20.57
N GLU A 519 -30.05 -10.80 19.77
CA GLU A 519 -30.33 -12.23 19.78
C GLU A 519 -30.10 -12.85 21.15
N GLY A 520 -28.86 -12.81 21.63
CA GLY A 520 -28.55 -13.48 22.89
C GLY A 520 -29.14 -12.78 24.09
N VAL A 521 -29.19 -11.45 24.06
CA VAL A 521 -29.64 -10.68 25.23
C VAL A 521 -31.11 -10.98 25.52
N ILE A 522 -31.93 -11.06 24.47
CA ILE A 522 -33.37 -11.21 24.67
C ILE A 522 -33.71 -12.61 25.20
N ASP A 523 -32.98 -13.64 24.77
CA ASP A 523 -33.23 -14.98 25.30
C ASP A 523 -32.98 -15.06 26.80
N ARG A 524 -32.08 -14.22 27.33
CA ARG A 524 -31.78 -14.20 28.75
C ARG A 524 -32.61 -13.16 29.50
N CYS A 525 -33.68 -12.67 28.89
CA CYS A 525 -34.63 -11.82 29.57
C CYS A 525 -35.82 -12.64 30.03
N ASN A 526 -36.28 -12.38 31.25
CA ASN A 526 -37.51 -12.98 31.75
C ASN A 526 -38.63 -11.98 31.97
N TYR A 527 -38.33 -10.68 31.88
CA TYR A 527 -39.32 -9.65 32.11
C TYR A 527 -39.13 -8.54 31.08
N VAL A 528 -40.18 -7.76 30.88
CA VAL A 528 -40.16 -6.60 30.02
C VAL A 528 -40.64 -5.40 30.83
N ARG A 529 -39.84 -4.33 30.84
CA ARG A 529 -40.21 -3.16 31.60
C ARG A 529 -41.17 -2.29 30.80
N VAL A 530 -42.29 -1.94 31.42
CA VAL A 530 -43.28 -1.07 30.79
C VAL A 530 -43.31 0.24 31.56
N GLY A 531 -42.39 1.15 31.23
CA GLY A 531 -42.22 2.37 32.00
C GLY A 531 -41.47 2.11 33.29
N THR A 532 -42.21 2.01 34.39
CA THR A 532 -41.65 1.55 35.66
C THR A 532 -42.18 0.18 36.08
N THR A 533 -43.25 -0.29 35.45
CA THR A 533 -43.83 -1.58 35.79
C THR A 533 -43.03 -2.70 35.14
N ARG A 534 -43.25 -3.92 35.63
CA ARG A 534 -42.55 -5.11 35.16
C ARG A 534 -43.55 -6.23 34.87
N VAL A 535 -43.45 -6.83 33.69
CA VAL A 535 -44.34 -7.88 33.22
C VAL A 535 -43.47 -8.99 32.64
N PRO A 536 -43.78 -10.28 32.84
CA PRO A 536 -42.86 -11.33 32.38
C PRO A 536 -42.74 -11.37 30.87
N MET A 537 -41.58 -11.85 30.41
CA MET A 537 -41.34 -12.03 28.99
C MET A 537 -42.20 -13.16 28.45
N THR A 538 -42.98 -12.87 27.41
CA THR A 538 -43.83 -13.86 26.78
C THR A 538 -43.49 -13.96 25.30
N GLY A 539 -43.87 -15.10 24.72
CA GLY A 539 -43.65 -15.36 23.31
C GLY A 539 -44.16 -14.26 22.39
N PRO A 540 -45.46 -13.96 22.45
CA PRO A 540 -46.02 -12.93 21.55
C PRO A 540 -45.30 -11.60 21.61
N VAL A 541 -44.77 -11.20 22.76
CA VAL A 541 -44.06 -9.94 22.86
C VAL A 541 -42.68 -10.05 22.24
N LYS A 542 -41.94 -11.10 22.59
CA LYS A 542 -40.60 -11.32 22.02
C LYS A 542 -40.64 -11.32 20.50
N GLU A 543 -41.72 -11.84 19.92
CA GLU A 543 -41.86 -11.85 18.47
C GLU A 543 -41.92 -10.43 17.91
N LYS A 544 -42.78 -9.59 18.50
CA LYS A 544 -42.91 -8.21 18.02
C LYS A 544 -41.61 -7.44 18.19
N ILE A 545 -40.85 -7.72 19.26
CA ILE A 545 -39.55 -7.08 19.45
C ILE A 545 -38.63 -7.40 18.28
N LEU A 546 -38.40 -8.69 18.04
CA LEU A 546 -37.54 -9.11 16.93
C LEU A 546 -38.11 -8.68 15.58
N SER A 547 -39.43 -8.53 15.49
CA SER A 547 -40.05 -8.17 14.22
C SER A 547 -39.63 -6.77 13.76
N VAL A 548 -39.36 -5.87 14.71
CA VAL A 548 -38.90 -4.53 14.38
C VAL A 548 -37.38 -4.47 14.27
N ILE A 549 -36.68 -5.24 15.10
CA ILE A 549 -35.23 -5.33 14.98
C ILE A 549 -34.84 -5.85 13.60
N LYS A 550 -35.55 -6.87 13.12
CA LYS A 550 -35.28 -7.41 11.79
C LYS A 550 -35.69 -6.42 10.70
N GLU A 551 -36.80 -5.72 10.90
CA GLU A 551 -37.22 -4.69 9.97
C GLU A 551 -36.15 -3.61 9.83
N TRP A 552 -35.59 -3.16 10.95
CA TRP A 552 -34.60 -2.08 10.92
C TRP A 552 -33.29 -2.54 10.27
N GLY A 553 -32.76 -3.68 10.70
CA GLY A 553 -31.51 -4.19 10.16
C GLY A 553 -31.60 -4.71 8.75
N THR A 554 -32.79 -4.68 8.15
CA THR A 554 -32.97 -5.09 6.76
C THR A 554 -33.58 -3.98 5.91
N GLY A 555 -34.16 -2.95 6.54
CA GLY A 555 -34.76 -1.83 5.84
C GLY A 555 -33.73 -1.07 5.01
N ARG A 556 -34.22 0.00 4.38
CA ARG A 556 -33.39 0.79 3.47
C ARG A 556 -32.29 1.51 4.22
N ASP A 557 -32.60 2.12 5.37
CA ASP A 557 -31.56 2.37 6.35
C ASP A 557 -31.21 1.05 7.04
N THR A 558 -29.94 0.68 7.00
CA THR A 558 -29.47 -0.63 7.46
C THR A 558 -28.78 -0.43 8.80
N LEU A 559 -29.53 -0.65 9.88
CA LEU A 559 -29.11 -0.31 11.23
C LEU A 559 -28.55 -1.52 11.94
N ARG A 560 -27.40 -1.35 12.59
CA ARG A 560 -26.97 -2.27 13.63
C ARG A 560 -27.79 -2.00 14.87
N CYS A 561 -28.30 -3.06 15.49
CA CYS A 561 -29.20 -2.93 16.62
C CYS A 561 -28.54 -3.43 17.90
N LEU A 562 -28.82 -2.75 19.00
CA LEU A 562 -28.36 -3.14 20.33
C LEU A 562 -29.56 -3.23 21.25
N ALA A 563 -29.59 -4.29 22.07
CA ALA A 563 -30.62 -4.46 23.08
C ALA A 563 -30.09 -3.98 24.42
N LEU A 564 -30.93 -3.29 25.17
CA LEU A 564 -30.57 -2.78 26.49
C LEU A 564 -31.45 -3.44 27.54
N ALA A 565 -30.83 -4.02 28.55
CA ALA A 565 -31.54 -4.76 29.57
C ALA A 565 -31.03 -4.38 30.95
N THR A 566 -31.74 -4.84 31.97
CA THR A 566 -31.34 -4.67 33.36
C THR A 566 -31.63 -5.96 34.10
N ARG A 567 -30.63 -6.48 34.80
CA ARG A 567 -30.92 -7.47 35.83
C ARG A 567 -31.36 -6.74 37.08
N ASP A 568 -32.62 -6.94 37.48
CA ASP A 568 -33.17 -6.14 38.56
C ASP A 568 -32.60 -6.53 39.92
N THR A 569 -32.24 -7.80 40.11
CA THR A 569 -31.71 -8.29 41.38
C THR A 569 -30.40 -9.02 41.09
N PRO A 570 -29.28 -8.32 41.11
CA PRO A 570 -27.99 -8.94 40.76
C PRO A 570 -27.54 -9.91 41.83
N PRO A 571 -26.53 -10.75 41.55
CA PRO A 571 -26.01 -11.65 42.59
C PRO A 571 -25.25 -10.90 43.66
N LYS A 572 -24.77 -11.62 44.68
CA LYS A 572 -23.94 -11.00 45.70
C LYS A 572 -22.61 -10.59 45.08
N ARG A 573 -22.27 -9.30 45.22
CA ARG A 573 -21.02 -8.80 44.67
C ARG A 573 -19.82 -9.57 45.21
N GLU A 574 -19.94 -10.12 46.40
CA GLU A 574 -18.89 -10.93 47.00
C GLU A 574 -19.00 -12.41 46.67
N GLU A 575 -19.96 -12.79 45.83
CA GLU A 575 -20.03 -14.15 45.32
C GLU A 575 -19.88 -14.23 43.81
N MET A 576 -19.67 -13.09 43.14
CA MET A 576 -19.31 -13.08 41.72
C MET A 576 -17.80 -13.13 41.59
N VAL A 577 -17.33 -14.01 40.71
CA VAL A 577 -15.89 -14.22 40.49
C VAL A 577 -15.56 -13.67 39.12
N LEU A 578 -14.84 -12.55 39.09
CA LEU A 578 -14.60 -11.78 37.87
C LEU A 578 -13.38 -12.23 37.09
N ASP A 579 -12.79 -13.38 37.42
CA ASP A 579 -11.55 -13.80 36.79
C ASP A 579 -11.75 -14.64 35.54
N ASP A 580 -12.99 -15.02 35.22
CA ASP A 580 -13.25 -15.97 34.14
C ASP A 580 -14.47 -15.53 33.36
N SER A 581 -14.28 -15.27 32.06
CA SER A 581 -15.37 -14.81 31.21
C SER A 581 -16.48 -15.86 31.10
N SER A 582 -16.15 -17.13 31.32
CA SER A 582 -17.12 -18.20 31.06
C SER A 582 -18.37 -18.07 31.93
N ARG A 583 -18.24 -17.51 33.12
CA ARG A 583 -19.39 -17.34 34.01
C ARG A 583 -20.12 -16.03 33.80
N PHE A 584 -19.58 -15.12 32.98
CA PHE A 584 -20.19 -13.80 32.82
C PHE A 584 -21.60 -13.90 32.26
N MET A 585 -21.82 -14.80 31.31
CA MET A 585 -23.14 -14.91 30.69
C MET A 585 -24.21 -15.27 31.71
N GLU A 586 -23.88 -16.20 32.63
CA GLU A 586 -24.85 -16.60 33.64
C GLU A 586 -25.16 -15.45 34.59
N TYR A 587 -24.15 -14.63 34.91
CA TYR A 587 -24.39 -13.48 35.77
C TYR A 587 -25.30 -12.45 35.12
N GLU A 588 -25.57 -12.58 33.82
CA GLU A 588 -26.52 -11.72 33.13
C GLU A 588 -27.78 -12.52 32.77
N THR A 589 -28.36 -13.18 33.74
CA THR A 589 -29.59 -13.95 33.56
C THR A 589 -30.70 -13.30 34.38
N ASP A 590 -31.95 -13.63 34.04
CA ASP A 590 -33.13 -13.08 34.71
C ASP A 590 -33.23 -11.58 34.47
N LEU A 591 -32.97 -11.17 33.24
CA LEU A 591 -32.91 -9.76 32.87
C LEU A 591 -34.30 -9.21 32.56
N THR A 592 -34.38 -7.89 32.53
CA THR A 592 -35.59 -7.18 32.12
C THR A 592 -35.26 -6.37 30.88
N PHE A 593 -35.89 -6.72 29.76
CA PHE A 593 -35.70 -5.98 28.52
C PHE A 593 -36.20 -4.56 28.67
N VAL A 594 -35.33 -3.58 28.38
CA VAL A 594 -35.69 -2.17 28.49
C VAL A 594 -36.02 -1.62 27.12
N GLY A 595 -35.08 -1.72 26.18
CA GLY A 595 -35.31 -1.16 24.87
C GLY A 595 -34.23 -1.57 23.89
N VAL A 596 -34.25 -0.93 22.73
CA VAL A 596 -33.31 -1.22 21.65
C VAL A 596 -32.92 0.10 20.98
N VAL A 597 -31.61 0.30 20.78
CA VAL A 597 -31.11 1.42 19.99
C VAL A 597 -30.68 0.87 18.64
N GLY A 598 -30.75 1.71 17.63
CA GLY A 598 -30.34 1.33 16.29
C GLY A 598 -29.56 2.45 15.62
N MET A 599 -28.26 2.24 15.44
CA MET A 599 -27.35 3.26 14.93
C MET A 599 -26.96 2.95 13.49
N LEU A 600 -26.86 4.00 12.67
CA LEU A 600 -26.43 3.86 11.29
C LEU A 600 -24.94 4.21 11.16
N ASP A 601 -24.38 3.76 10.05
CA ASP A 601 -22.98 3.89 9.68
C ASP A 601 -22.96 3.84 8.16
N PRO A 602 -23.28 4.95 7.49
CA PRO A 602 -23.72 4.83 6.10
C PRO A 602 -22.56 4.52 5.18
N PRO A 603 -22.82 3.84 4.05
CA PRO A 603 -21.75 3.59 3.09
C PRO A 603 -21.22 4.88 2.52
N ARG A 604 -19.92 4.90 2.25
CA ARG A 604 -19.30 6.11 1.73
C ARG A 604 -19.91 6.46 0.38
N LYS A 605 -19.95 7.77 0.10
CA LYS A 605 -20.58 8.28 -1.12
C LYS A 605 -20.10 7.53 -2.36
N GLU A 606 -18.89 6.98 -2.31
CA GLU A 606 -18.26 6.47 -3.52
C GLU A 606 -18.49 4.98 -3.72
N VAL A 607 -18.57 4.21 -2.63
CA VAL A 607 -18.34 2.76 -2.69
C VAL A 607 -19.26 2.08 -3.69
N MET A 608 -20.52 2.52 -3.78
CA MET A 608 -21.46 1.92 -4.72
C MET A 608 -20.93 1.96 -6.15
N GLY A 609 -20.39 3.12 -6.55
CA GLY A 609 -19.79 3.20 -7.87
C GLY A 609 -18.47 2.47 -7.95
N SER A 610 -17.63 2.60 -6.90
CA SER A 610 -16.37 1.88 -6.86
C SER A 610 -16.59 0.37 -6.95
N ILE A 611 -17.67 -0.12 -6.32
CA ILE A 611 -18.02 -1.54 -6.43
C ILE A 611 -18.35 -1.89 -7.87
N GLN A 612 -19.13 -1.03 -8.55
CA GLN A 612 -19.51 -1.29 -9.93
C GLN A 612 -18.29 -1.47 -10.82
N LEU A 613 -17.26 -0.63 -10.63
CA LEU A 613 -16.05 -0.75 -11.44
C LEU A 613 -15.41 -2.13 -11.27
N CYS A 614 -15.38 -2.64 -10.04
CA CYS A 614 -14.75 -3.94 -9.80
C CYS A 614 -15.44 -5.05 -10.58
N ARG A 615 -16.76 -4.97 -10.74
CA ARG A 615 -17.45 -5.94 -11.57
C ARG A 615 -17.15 -5.73 -13.04
N ASP A 616 -17.23 -4.48 -13.51
CA ASP A 616 -16.89 -4.17 -14.89
C ASP A 616 -15.49 -4.62 -15.24
N ALA A 617 -14.57 -4.53 -14.28
CA ALA A 617 -13.20 -4.98 -14.44
C ALA A 617 -13.00 -6.43 -14.04
N GLY A 618 -14.07 -7.15 -13.75
CA GLY A 618 -13.96 -8.55 -13.39
C GLY A 618 -13.29 -8.83 -12.07
N ILE A 619 -13.58 -8.03 -11.05
CA ILE A 619 -13.01 -8.19 -9.72
C ILE A 619 -14.14 -8.55 -8.76
N ARG A 620 -14.02 -9.70 -8.12
CA ARG A 620 -14.99 -10.09 -7.11
C ARG A 620 -14.69 -9.36 -5.81
N VAL A 621 -15.74 -8.92 -5.12
CA VAL A 621 -15.61 -8.19 -3.87
C VAL A 621 -16.26 -9.01 -2.77
N ILE A 622 -15.46 -9.41 -1.78
CA ILE A 622 -15.95 -10.08 -0.60
C ILE A 622 -15.98 -9.06 0.54
N MET A 623 -17.14 -8.92 1.18
CA MET A 623 -17.28 -8.05 2.34
C MET A 623 -17.23 -8.90 3.60
N ILE A 624 -16.23 -8.64 4.44
CA ILE A 624 -16.13 -9.23 5.77
C ILE A 624 -16.66 -8.20 6.76
N THR A 625 -17.60 -8.62 7.60
CA THR A 625 -18.23 -7.70 8.55
C THR A 625 -18.58 -8.46 9.82
N GLY A 626 -18.93 -7.69 10.86
CA GLY A 626 -19.36 -8.23 12.13
C GLY A 626 -20.84 -8.17 12.38
N ASP A 627 -21.63 -7.64 11.44
CA ASP A 627 -23.08 -7.62 11.58
C ASP A 627 -23.62 -9.05 11.60
N ASN A 628 -24.91 -9.18 11.88
CA ASN A 628 -25.53 -10.49 11.72
C ASN A 628 -25.69 -10.79 10.24
N LYS A 629 -25.79 -12.09 9.93
CA LYS A 629 -25.89 -12.53 8.55
C LYS A 629 -27.04 -11.87 7.82
N GLY A 630 -28.14 -11.61 8.52
CA GLY A 630 -29.25 -10.89 7.94
C GLY A 630 -28.88 -9.50 7.49
N THR A 631 -28.30 -8.70 8.38
CA THR A 631 -27.92 -7.33 8.04
C THR A 631 -26.77 -7.32 7.04
N ALA A 632 -25.80 -8.23 7.20
CA ALA A 632 -24.67 -8.29 6.28
C ALA A 632 -25.14 -8.44 4.84
N ILE A 633 -26.07 -9.37 4.59
CA ILE A 633 -26.65 -9.54 3.26
C ILE A 633 -27.30 -8.25 2.79
N ALA A 634 -28.06 -7.59 3.69
CA ALA A 634 -28.77 -6.38 3.32
C ALA A 634 -27.80 -5.28 2.91
N ILE A 635 -26.70 -5.13 3.65
CA ILE A 635 -25.71 -4.12 3.28
C ILE A 635 -25.14 -4.41 1.90
N CYS A 636 -24.98 -5.70 1.56
CA CYS A 636 -24.39 -6.05 0.27
C CYS A 636 -25.30 -5.67 -0.89
N ARG A 637 -26.61 -5.73 -0.69
CA ARG A 637 -27.55 -5.23 -1.71
C ARG A 637 -27.48 -3.72 -1.79
N ARG A 638 -27.38 -3.06 -0.63
CA ARG A 638 -27.40 -1.60 -0.58
C ARG A 638 -26.23 -1.01 -1.35
N ILE A 639 -25.02 -1.54 -1.11
CA ILE A 639 -23.84 -1.03 -1.79
C ILE A 639 -23.61 -1.68 -3.15
N GLY A 640 -24.32 -2.76 -3.47
CA GLY A 640 -24.33 -3.31 -4.80
C GLY A 640 -23.58 -4.61 -5.02
N ILE A 641 -23.14 -5.28 -3.96
CA ILE A 641 -22.51 -6.59 -4.16
C ILE A 641 -23.54 -7.61 -4.61
N PHE A 642 -24.78 -7.48 -4.14
CA PHE A 642 -25.89 -8.30 -4.60
C PHE A 642 -26.98 -7.41 -5.17
N GLY A 643 -27.82 -8.00 -6.02
CA GLY A 643 -29.01 -7.32 -6.46
C GLY A 643 -30.08 -7.32 -5.38
N GLU A 644 -30.98 -6.33 -5.46
CA GLU A 644 -32.04 -6.22 -4.45
C GLU A 644 -32.98 -7.41 -4.50
N ASN A 645 -33.24 -7.95 -5.69
CA ASN A 645 -34.16 -9.07 -5.86
C ASN A 645 -33.43 -10.38 -6.12
N GLU A 646 -32.11 -10.41 -5.94
CA GLU A 646 -31.33 -11.61 -6.22
C GLU A 646 -31.34 -12.56 -5.01
N GLU A 647 -31.27 -13.86 -5.31
CA GLU A 647 -31.22 -14.90 -4.28
C GLU A 647 -29.77 -15.18 -3.94
N VAL A 648 -29.37 -14.86 -2.72
CA VAL A 648 -27.97 -14.86 -2.30
C VAL A 648 -27.66 -16.01 -1.36
N ALA A 649 -28.54 -17.00 -1.25
CA ALA A 649 -28.45 -18.06 -0.25
C ALA A 649 -27.07 -18.71 -0.19
N ASP A 650 -26.44 -18.89 -1.35
CA ASP A 650 -25.20 -19.65 -1.45
C ASP A 650 -23.94 -18.80 -1.46
N ARG A 651 -24.06 -17.47 -1.33
CA ARG A 651 -22.91 -16.58 -1.40
C ARG A 651 -22.72 -15.75 -0.14
N ALA A 652 -23.36 -16.13 0.96
CA ALA A 652 -23.20 -15.42 2.24
C ALA A 652 -23.11 -16.44 3.36
N TYR A 653 -22.04 -16.37 4.15
CA TYR A 653 -21.77 -17.33 5.19
C TYR A 653 -21.37 -16.62 6.48
N THR A 654 -21.42 -17.36 7.58
CA THR A 654 -20.95 -16.88 8.88
C THR A 654 -19.84 -17.79 9.37
N GLY A 655 -19.04 -17.28 10.30
CA GLY A 655 -17.90 -18.02 10.79
C GLY A 655 -18.26 -19.40 11.31
N ARG A 656 -19.38 -19.51 12.02
CA ARG A 656 -19.82 -20.81 12.52
C ARG A 656 -20.37 -21.67 11.39
N GLU A 657 -21.17 -21.08 10.49
CA GLU A 657 -21.65 -21.83 9.33
C GLU A 657 -20.49 -22.36 8.51
N PHE A 658 -19.54 -21.48 8.17
CA PHE A 658 -18.37 -21.88 7.39
C PHE A 658 -17.62 -23.02 8.07
N ASP A 659 -17.43 -22.91 9.38
CA ASP A 659 -16.71 -23.94 10.13
C ASP A 659 -17.46 -25.27 10.17
N ASP A 660 -18.78 -25.25 9.98
CA ASP A 660 -19.55 -26.49 9.99
C ASP A 660 -19.32 -27.32 8.73
N LEU A 661 -19.02 -26.67 7.60
CA LEU A 661 -18.82 -27.41 6.36
C LEU A 661 -17.51 -28.20 6.42
N PRO A 662 -17.49 -29.42 5.88
CA PRO A 662 -16.21 -30.12 5.73
C PRO A 662 -15.30 -29.38 4.78
N LEU A 663 -14.04 -29.83 4.72
CA LEU A 663 -13.01 -29.10 3.98
C LEU A 663 -13.40 -28.90 2.52
N ALA A 664 -13.90 -29.96 1.87
CA ALA A 664 -14.25 -29.85 0.45
C ALA A 664 -15.32 -28.79 0.23
N GLU A 665 -16.36 -28.79 1.06
CA GLU A 665 -17.43 -27.81 0.90
C GLU A 665 -17.02 -26.42 1.32
N GLN A 666 -15.95 -26.29 2.12
CA GLN A 666 -15.42 -24.97 2.44
C GLN A 666 -14.83 -24.31 1.20
N ARG A 667 -13.96 -25.03 0.48
CA ARG A 667 -13.26 -24.45 -0.66
C ARG A 667 -14.23 -23.99 -1.74
N GLU A 668 -15.27 -24.78 -2.00
CA GLU A 668 -16.26 -24.40 -3.00
C GLU A 668 -17.02 -23.14 -2.61
N ALA A 669 -17.09 -22.84 -1.31
CA ALA A 669 -17.80 -21.64 -0.87
C ALA A 669 -17.03 -20.38 -1.24
N CYS A 670 -15.72 -20.36 -0.99
CA CYS A 670 -14.90 -19.22 -1.36
C CYS A 670 -14.87 -19.01 -2.87
N ARG A 671 -15.13 -20.07 -3.65
CA ARG A 671 -15.22 -19.93 -5.10
C ARG A 671 -16.30 -18.93 -5.50
N ARG A 672 -17.38 -18.84 -4.73
CA ARG A 672 -18.54 -18.05 -5.10
C ARG A 672 -18.94 -16.99 -4.07
N ALA A 673 -18.42 -17.08 -2.85
CA ALA A 673 -18.93 -16.22 -1.79
C ALA A 673 -18.50 -14.76 -1.98
N CYS A 674 -19.29 -13.86 -1.37
CA CYS A 674 -19.02 -12.44 -1.42
C CYS A 674 -19.34 -11.73 -0.11
N CYS A 675 -19.78 -12.44 0.92
CA CYS A 675 -20.22 -11.80 2.16
C CYS A 675 -19.99 -12.75 3.32
N PHE A 676 -19.15 -12.33 4.26
CA PHE A 676 -18.84 -13.11 5.46
C PHE A 676 -19.18 -12.27 6.68
N ALA A 677 -19.96 -12.84 7.60
CA ALA A 677 -20.40 -12.16 8.81
C ALA A 677 -19.89 -12.90 10.04
N ARG A 678 -19.27 -12.14 10.96
CA ARG A 678 -18.79 -12.65 12.24
C ARG A 678 -17.88 -13.87 12.04
N VAL A 679 -16.68 -13.57 11.57
CA VAL A 679 -15.65 -14.58 11.38
C VAL A 679 -14.68 -14.49 12.54
N GLU A 680 -14.10 -15.64 12.90
CA GLU A 680 -13.00 -15.68 13.84
C GLU A 680 -11.77 -15.08 13.16
N PRO A 681 -10.73 -14.75 13.93
CA PRO A 681 -9.53 -14.17 13.29
C PRO A 681 -8.89 -15.11 12.27
N SER A 682 -8.79 -16.40 12.59
CA SER A 682 -8.11 -17.35 11.72
C SER A 682 -8.75 -17.44 10.34
N HIS A 683 -10.03 -17.05 10.19
CA HIS A 683 -10.75 -17.33 8.97
C HIS A 683 -10.26 -16.51 7.78
N LYS A 684 -9.79 -15.28 8.03
CA LYS A 684 -9.22 -14.48 6.94
C LYS A 684 -8.08 -15.22 6.27
N SER A 685 -7.15 -15.77 7.06
CA SER A 685 -6.04 -16.51 6.49
C SER A 685 -6.50 -17.79 5.80
N LYS A 686 -7.61 -18.37 6.27
CA LYS A 686 -8.13 -19.60 5.66
C LYS A 686 -8.81 -19.31 4.33
N ILE A 687 -9.49 -18.17 4.23
CA ILE A 687 -10.14 -17.78 2.98
C ILE A 687 -9.11 -17.50 1.90
N VAL A 688 -8.03 -16.81 2.24
CA VAL A 688 -6.97 -16.53 1.27
C VAL A 688 -6.40 -17.83 0.73
N GLU A 689 -6.12 -18.79 1.63
CA GLU A 689 -5.60 -20.08 1.19
C GLU A 689 -6.54 -20.75 0.20
N TYR A 690 -7.85 -20.68 0.45
CA TYR A 690 -8.81 -21.27 -0.47
C TYR A 690 -8.85 -20.51 -1.78
N LEU A 691 -8.79 -19.18 -1.73
CA LEU A 691 -8.77 -18.39 -2.96
C LEU A 691 -7.51 -18.68 -3.77
N GLN A 692 -6.40 -18.96 -3.10
CA GLN A 692 -5.19 -19.35 -3.79
C GLN A 692 -5.34 -20.67 -4.52
N SER A 693 -6.14 -21.59 -3.96
CA SER A 693 -6.37 -22.88 -4.62
C SER A 693 -7.06 -22.73 -5.96
N TYR A 694 -7.65 -21.56 -6.25
CA TYR A 694 -8.27 -21.29 -7.53
C TYR A 694 -7.42 -20.36 -8.39
N ASP A 695 -6.12 -20.23 -8.07
CA ASP A 695 -5.22 -19.34 -8.78
C ASP A 695 -5.80 -17.93 -8.88
N GLU A 696 -6.49 -17.52 -7.82
CA GLU A 696 -7.06 -16.19 -7.70
C GLU A 696 -6.14 -15.32 -6.86
N ILE A 697 -5.93 -14.09 -7.31
CA ILE A 697 -4.95 -13.18 -6.73
C ILE A 697 -5.69 -12.13 -5.91
N THR A 698 -5.44 -12.12 -4.60
CA THR A 698 -6.34 -11.53 -3.62
C THR A 698 -5.73 -10.29 -2.99
N ALA A 699 -6.51 -9.21 -2.94
CA ALA A 699 -6.19 -8.03 -2.14
C ALA A 699 -7.02 -8.12 -0.86
N MET A 700 -6.35 -8.30 0.27
CA MET A 700 -6.99 -8.54 1.55
C MET A 700 -6.63 -7.42 2.50
N THR A 701 -7.61 -6.95 3.26
CA THR A 701 -7.45 -5.77 4.10
C THR A 701 -7.47 -6.15 5.58
N GLY A 702 -6.75 -5.37 6.37
CA GLY A 702 -6.74 -5.57 7.82
C GLY A 702 -6.19 -4.34 8.50
N ASP A 703 -6.58 -4.18 9.76
CA ASP A 703 -6.09 -3.07 10.58
C ASP A 703 -5.66 -3.57 11.96
N GLY A 704 -6.27 -4.65 12.43
CA GLY A 704 -6.04 -5.12 13.77
C GLY A 704 -4.77 -5.91 13.92
N VAL A 705 -4.42 -6.20 15.19
CA VAL A 705 -3.19 -6.91 15.49
C VAL A 705 -3.26 -8.35 14.97
N ASN A 706 -4.44 -8.97 15.02
CA ASN A 706 -4.59 -10.34 14.54
C ASN A 706 -4.59 -10.46 13.02
N ASP A 707 -4.69 -9.34 12.30
CA ASP A 707 -4.75 -9.36 10.85
C ASP A 707 -3.39 -9.60 10.20
N ALA A 708 -2.31 -9.66 10.98
CA ALA A 708 -0.96 -9.74 10.40
C ALA A 708 -0.77 -10.97 9.52
N PRO A 709 -1.05 -12.20 9.97
CA PRO A 709 -0.71 -13.36 9.13
C PRO A 709 -1.50 -13.43 7.84
N ALA A 710 -2.78 -13.03 7.85
CA ALA A 710 -3.55 -12.98 6.62
C ALA A 710 -3.12 -11.86 5.70
N LEU A 711 -2.27 -10.93 6.16
CA LEU A 711 -1.71 -9.90 5.30
C LEU A 711 -0.35 -10.31 4.73
N LYS A 712 0.45 -11.05 5.49
CA LYS A 712 1.63 -11.67 4.91
C LYS A 712 1.25 -12.73 3.89
N LYS A 713 0.15 -13.44 4.14
CA LYS A 713 -0.26 -14.52 3.24
C LYS A 713 -0.91 -13.98 1.98
N ALA A 714 -1.74 -12.95 2.09
CA ALA A 714 -2.35 -12.36 0.91
C ALA A 714 -1.29 -11.75 0.01
N GLU A 715 -1.45 -11.97 -1.30
CA GLU A 715 -0.47 -11.46 -2.26
C GLU A 715 -0.41 -9.94 -2.25
N ILE A 716 -1.53 -9.29 -1.91
CA ILE A 716 -1.55 -7.84 -1.73
C ILE A 716 -2.16 -7.54 -0.37
N GLY A 717 -1.34 -7.60 0.69
CA GLY A 717 -1.80 -7.22 2.01
C GLY A 717 -2.02 -5.72 2.06
N ILE A 718 -3.25 -5.31 2.37
CA ILE A 718 -3.59 -3.90 2.47
C ILE A 718 -3.91 -3.59 3.92
N ALA A 719 -3.12 -2.71 4.54
CA ALA A 719 -3.35 -2.29 5.91
C ALA A 719 -3.92 -0.89 5.93
N MET A 720 -4.61 -0.57 7.03
CA MET A 720 -5.31 0.70 7.18
C MET A 720 -4.37 1.74 7.78
N GLY A 721 -4.51 2.98 7.31
CA GLY A 721 -3.67 4.05 7.83
C GLY A 721 -3.91 4.32 9.30
N SER A 722 -5.16 4.26 9.74
CA SER A 722 -5.50 4.41 11.14
C SER A 722 -5.35 3.12 11.94
N GLY A 723 -4.81 2.06 11.34
CA GLY A 723 -4.74 0.76 11.99
C GLY A 723 -3.53 0.61 12.88
N THR A 724 -3.31 -0.62 13.32
CA THR A 724 -2.19 -0.94 14.21
C THR A 724 -0.87 -0.81 13.45
N ALA A 725 0.23 -0.94 14.21
CA ALA A 725 1.55 -0.92 13.60
C ALA A 725 1.90 -2.26 12.95
N VAL A 726 1.44 -3.36 13.53
CA VAL A 726 1.81 -4.68 13.03
C VAL A 726 1.23 -4.92 11.64
N ALA A 727 -0.05 -4.58 11.44
CA ALA A 727 -0.68 -4.78 10.14
C ALA A 727 0.03 -3.99 9.05
N LYS A 728 0.41 -2.74 9.35
CA LYS A 728 1.18 -1.94 8.40
C LYS A 728 2.48 -2.65 8.03
N THR A 729 3.12 -3.31 9.00
CA THR A 729 4.39 -3.97 8.73
C THR A 729 4.20 -5.19 7.84
N ALA A 730 3.20 -6.01 8.12
CA ALA A 730 2.92 -7.18 7.29
C ALA A 730 2.31 -6.83 5.95
N SER A 731 2.05 -5.55 5.67
CA SER A 731 1.30 -5.15 4.50
C SER A 731 2.21 -4.84 3.31
N GLU A 732 1.59 -4.82 2.13
CA GLU A 732 2.22 -4.35 0.91
C GLU A 732 1.84 -2.91 0.56
N MET A 733 0.75 -2.42 1.13
CA MET A 733 0.19 -1.12 0.80
C MET A 733 -0.67 -0.65 1.97
N VAL A 734 -0.83 0.66 2.09
CA VAL A 734 -1.54 1.26 3.23
C VAL A 734 -2.52 2.30 2.71
N LEU A 735 -3.76 2.25 3.22
CA LEU A 735 -4.79 3.22 2.83
C LEU A 735 -4.74 4.39 3.80
N ALA A 736 -4.06 5.46 3.38
CA ALA A 736 -3.89 6.62 4.24
C ALA A 736 -5.23 7.25 4.60
N ASP A 737 -6.21 7.19 3.70
CA ASP A 737 -7.54 7.75 3.93
C ASP A 737 -8.58 6.69 4.28
N ASP A 738 -8.16 5.44 4.47
CA ASP A 738 -9.00 4.34 4.92
C ASP A 738 -10.14 4.01 3.96
N ASN A 739 -10.19 4.63 2.80
CA ASN A 739 -11.32 4.49 1.89
C ASN A 739 -11.16 3.24 1.01
N PHE A 740 -12.26 2.52 0.83
CA PHE A 740 -12.24 1.33 -0.02
C PHE A 740 -11.97 1.70 -1.47
N SER A 741 -12.51 2.84 -1.92
CA SER A 741 -12.28 3.31 -3.27
C SER A 741 -10.83 3.62 -3.55
N THR A 742 -10.04 3.93 -2.51
CA THR A 742 -8.60 4.07 -2.68
C THR A 742 -7.96 2.77 -3.14
N ILE A 743 -8.54 1.63 -2.79
CA ILE A 743 -8.06 0.36 -3.30
C ILE A 743 -8.34 0.23 -4.78
N VAL A 744 -9.58 0.51 -5.20
CA VAL A 744 -9.94 0.44 -6.60
C VAL A 744 -9.06 1.37 -7.42
N ALA A 745 -8.92 2.62 -6.97
CA ALA A 745 -8.04 3.57 -7.63
C ALA A 745 -6.60 3.06 -7.67
N ALA A 746 -6.19 2.31 -6.64
CA ALA A 746 -4.86 1.73 -6.63
C ALA A 746 -4.72 0.65 -7.69
N VAL A 747 -5.71 -0.24 -7.78
CA VAL A 747 -5.68 -1.29 -8.80
C VAL A 747 -5.70 -0.68 -10.19
N GLU A 748 -6.55 0.33 -10.39
CA GLU A 748 -6.64 0.98 -11.70
C GLU A 748 -5.30 1.58 -12.12
N GLU A 749 -4.68 2.35 -11.22
CA GLU A 749 -3.37 2.93 -11.52
C GLU A 749 -2.34 1.82 -11.82
N GLY A 750 -2.36 0.75 -11.02
CA GLY A 750 -1.46 -0.36 -11.27
C GLY A 750 -1.66 -1.02 -12.62
N ARG A 751 -2.86 -0.89 -13.19
CA ARG A 751 -3.09 -1.41 -14.53
C ARG A 751 -2.44 -0.51 -15.59
N ALA A 752 -2.72 0.79 -15.53
CA ALA A 752 -2.18 1.73 -16.49
C ALA A 752 -0.66 1.67 -16.55
N ILE A 753 -0.02 1.56 -15.38
CA ILE A 753 1.45 1.57 -15.31
C ILE A 753 2.02 0.39 -16.09
N TYR A 754 1.39 -0.78 -16.00
CA TYR A 754 1.93 -1.95 -16.68
C TYR A 754 1.78 -1.83 -18.19
N ASN A 755 0.63 -1.32 -18.67
CA ASN A 755 0.48 -1.09 -20.11
C ASN A 755 1.51 -0.09 -20.63
N ASN A 756 2.00 0.80 -19.77
CA ASN A 756 3.01 1.76 -20.19
C ASN A 756 4.41 1.18 -20.09
N MET A 757 4.68 0.41 -19.03
CA MET A 757 5.92 -0.36 -18.98
C MET A 757 6.05 -1.27 -20.20
N LYS A 758 4.94 -1.91 -20.59
CA LYS A 758 4.97 -2.78 -21.76
C LYS A 758 5.35 -2.00 -23.01
N GLN A 759 4.88 -0.76 -23.12
CA GLN A 759 5.18 0.03 -24.32
C GLN A 759 6.66 0.38 -24.40
N PHE A 760 7.22 0.98 -23.35
CA PHE A 760 8.63 1.37 -23.45
C PHE A 760 9.56 0.17 -23.35
N ILE A 761 9.07 -0.98 -22.88
CA ILE A 761 9.86 -2.20 -22.98
C ILE A 761 9.98 -2.62 -24.44
N ARG A 762 8.85 -2.63 -25.15
CA ARG A 762 8.87 -2.96 -26.58
C ARG A 762 9.64 -1.90 -27.36
N TYR A 763 9.36 -0.62 -27.11
CA TYR A 763 10.02 0.47 -27.81
C TYR A 763 11.54 0.36 -27.71
N LEU A 764 12.05 0.13 -26.50
CA LEU A 764 13.49 0.08 -26.30
C LEU A 764 14.09 -1.18 -26.91
N ILE A 765 13.45 -2.33 -26.72
CA ILE A 765 14.04 -3.58 -27.19
C ILE A 765 13.91 -3.72 -28.70
N SER A 766 12.80 -3.25 -29.28
CA SER A 766 12.70 -3.23 -30.73
C SER A 766 13.72 -2.24 -31.31
N SER A 767 13.94 -1.12 -30.60
CA SER A 767 15.04 -0.23 -30.95
C SER A 767 16.37 -0.97 -30.96
N ASN A 768 16.58 -1.82 -29.94
CA ASN A 768 17.79 -2.62 -29.88
C ASN A 768 17.91 -3.52 -31.10
N VAL A 769 16.80 -4.10 -31.55
CA VAL A 769 16.83 -5.03 -32.69
C VAL A 769 17.39 -4.33 -33.92
N GLY A 770 16.89 -3.14 -34.22
CA GLY A 770 17.37 -2.41 -35.38
C GLY A 770 18.87 -2.21 -35.38
N GLU A 771 19.44 -1.96 -34.19
CA GLU A 771 20.87 -1.83 -34.07
C GLU A 771 21.58 -3.14 -34.39
N VAL A 772 21.07 -4.25 -33.85
CA VAL A 772 21.68 -5.56 -34.10
C VAL A 772 21.64 -5.89 -35.59
N VAL A 773 20.55 -5.51 -36.25
CA VAL A 773 20.46 -5.70 -37.70
C VAL A 773 21.51 -4.86 -38.40
N CYS A 774 21.66 -3.60 -37.98
CA CYS A 774 22.61 -2.70 -38.62
C CYS A 774 24.04 -3.22 -38.51
N ILE A 775 24.42 -3.69 -37.32
CA ILE A 775 25.74 -4.26 -37.13
C ILE A 775 25.92 -5.51 -37.98
N PHE A 776 24.85 -6.31 -38.11
CA PHE A 776 24.98 -7.59 -38.78
C PHE A 776 25.15 -7.43 -40.29
N LEU A 777 24.42 -6.49 -40.90
CA LEU A 777 24.58 -6.23 -42.33
C LEU A 777 25.99 -5.73 -42.62
N THR A 778 26.48 -4.79 -41.80
CA THR A 778 27.83 -4.27 -41.95
C THR A 778 28.85 -5.40 -42.01
N ALA A 779 28.76 -6.34 -41.06
CA ALA A 779 29.67 -7.49 -41.06
C ALA A 779 29.43 -8.39 -42.26
N ALA A 780 28.16 -8.69 -42.56
CA ALA A 780 27.85 -9.61 -43.64
C ALA A 780 28.23 -9.02 -45.00
N LEU A 781 27.83 -7.77 -45.26
CA LEU A 781 28.13 -7.18 -46.55
C LEU A 781 29.58 -6.74 -46.67
N GLY A 782 30.34 -6.75 -45.58
CA GLY A 782 31.70 -6.27 -45.63
C GLY A 782 31.85 -4.77 -45.69
N LEU A 783 30.81 -4.03 -45.35
CA LEU A 783 30.85 -2.57 -45.39
C LEU A 783 31.70 -2.04 -44.24
N PRO A 784 32.18 -0.80 -44.32
CA PRO A 784 32.77 -0.18 -43.14
C PRO A 784 31.73 -0.01 -42.06
N GLU A 785 32.21 0.14 -40.82
CA GLU A 785 31.30 0.35 -39.70
C GLU A 785 30.46 1.60 -39.93
N ALA A 786 29.17 1.48 -39.63
CA ALA A 786 28.23 2.60 -39.71
C ALA A 786 27.83 3.16 -38.37
N LEU A 787 27.85 2.35 -37.32
CA LEU A 787 27.63 2.81 -35.96
C LEU A 787 28.72 2.24 -35.07
N ILE A 788 29.25 3.06 -34.18
CA ILE A 788 30.27 2.61 -33.24
C ILE A 788 29.65 2.59 -31.84
N PRO A 789 30.15 1.75 -30.92
CA PRO A 789 29.47 1.59 -29.62
C PRO A 789 29.21 2.88 -28.85
N VAL A 790 30.11 3.87 -28.95
CA VAL A 790 29.88 5.13 -28.23
C VAL A 790 28.59 5.77 -28.71
N GLN A 791 28.32 5.72 -30.01
CA GLN A 791 27.08 6.29 -30.53
C GLN A 791 25.87 5.51 -30.05
N LEU A 792 25.97 4.18 -30.01
CA LEU A 792 24.83 3.35 -29.62
C LEU A 792 24.45 3.59 -28.17
N LEU A 793 25.44 3.67 -27.28
CA LEU A 793 25.16 3.91 -25.87
C LEU A 793 24.46 5.24 -25.67
N TRP A 794 24.88 6.27 -26.43
CA TRP A 794 24.18 7.55 -26.38
C TRP A 794 22.73 7.40 -26.80
N VAL A 795 22.44 6.49 -27.73
CA VAL A 795 21.07 6.24 -28.13
C VAL A 795 20.32 5.49 -27.04
N ASN A 796 20.85 4.33 -26.64
CA ASN A 796 20.15 3.46 -25.72
C ASN A 796 20.11 4.00 -24.30
N LEU A 797 20.74 5.13 -24.02
CA LEU A 797 20.71 5.72 -22.70
C LEU A 797 20.10 7.11 -22.65
N VAL A 798 20.17 7.89 -23.72
CA VAL A 798 19.72 9.28 -23.69
C VAL A 798 18.64 9.53 -24.74
N THR A 799 18.99 9.45 -26.02
CA THR A 799 18.03 9.80 -27.06
C THR A 799 16.85 8.83 -27.09
N ASP A 800 17.03 7.60 -26.62
CA ASP A 800 15.90 6.70 -26.44
C ASP A 800 15.31 6.80 -25.04
N GLY A 801 16.15 7.03 -24.03
CA GLY A 801 15.68 6.94 -22.66
C GLY A 801 14.62 7.96 -22.31
N LEU A 802 14.74 9.17 -22.85
CA LEU A 802 13.76 10.21 -22.53
C LEU A 802 12.39 9.88 -23.10
N PRO A 803 12.24 9.52 -24.39
CA PRO A 803 10.91 9.06 -24.84
C PRO A 803 10.46 7.79 -24.15
N ALA A 804 11.37 6.86 -23.86
CA ALA A 804 11.02 5.66 -23.13
C ALA A 804 10.37 6.00 -21.79
N THR A 805 10.93 6.98 -21.07
CA THR A 805 10.34 7.41 -19.81
C THR A 805 8.97 8.02 -20.04
N ALA A 806 8.91 9.07 -20.87
CA ALA A 806 7.67 9.77 -21.16
C ALA A 806 6.59 8.86 -21.69
N LEU A 807 6.95 7.72 -22.26
CA LEU A 807 5.96 6.71 -22.62
C LEU A 807 5.23 6.20 -21.39
N GLY A 808 5.96 6.06 -20.28
CA GLY A 808 5.38 5.57 -19.04
C GLY A 808 4.28 6.48 -18.53
N PHE A 809 4.18 7.66 -19.13
CA PHE A 809 3.12 8.63 -18.85
C PHE A 809 2.07 8.67 -19.96
N ASN A 810 2.01 7.64 -20.80
CA ASN A 810 0.90 7.51 -21.73
C ASN A 810 -0.39 7.48 -20.94
N PRO A 811 -1.38 8.29 -21.29
CA PRO A 811 -2.63 8.32 -20.51
C PRO A 811 -3.38 7.01 -20.65
N PRO A 812 -4.05 6.56 -19.59
CA PRO A 812 -4.62 5.21 -19.59
C PRO A 812 -5.70 5.04 -20.64
N ASP A 813 -5.85 3.80 -21.11
CA ASP A 813 -6.92 3.46 -22.05
C ASP A 813 -8.27 3.81 -21.45
N LEU A 814 -9.25 4.05 -22.32
CA LEU A 814 -10.61 4.32 -21.84
C LEU A 814 -11.28 3.07 -21.31
N ASP A 815 -10.92 1.90 -21.83
CA ASP A 815 -11.48 0.63 -21.37
C ASP A 815 -10.60 -0.05 -20.32
N ILE A 816 -9.79 0.73 -19.60
CA ILE A 816 -8.78 0.14 -18.73
C ILE A 816 -9.42 -0.66 -17.61
N MET A 817 -10.60 -0.25 -17.16
CA MET A 817 -11.34 -0.98 -16.12
C MET A 817 -12.54 -1.71 -16.70
N ASP A 818 -12.45 -2.11 -17.97
CA ASP A 818 -13.46 -2.95 -18.61
C ASP A 818 -12.86 -4.26 -19.10
N ARG A 819 -11.69 -4.65 -18.60
CA ARG A 819 -11.00 -5.85 -19.03
C ARG A 819 -10.68 -6.72 -17.82
N PRO A 820 -10.65 -8.03 -18.00
CA PRO A 820 -10.30 -8.94 -16.90
C PRO A 820 -8.91 -8.65 -16.38
N PRO A 821 -8.60 -9.09 -15.16
CA PRO A 821 -7.25 -8.92 -14.64
C PRO A 821 -6.22 -9.60 -15.54
N ARG A 822 -5.10 -8.91 -15.75
CA ARG A 822 -3.99 -9.50 -16.46
C ARG A 822 -3.52 -10.77 -15.76
N SER A 823 -3.31 -11.83 -16.53
CA SER A 823 -2.80 -13.03 -15.88
C SER A 823 -1.30 -12.89 -15.63
N PRO A 824 -0.80 -13.39 -14.50
CA PRO A 824 0.64 -13.24 -14.21
C PRO A 824 1.55 -13.84 -15.24
N LYS A 825 1.07 -14.77 -16.07
CA LYS A 825 1.90 -15.40 -17.09
C LYS A 825 1.76 -14.72 -18.45
N GLU A 826 1.07 -13.57 -18.51
CA GLU A 826 0.78 -12.88 -19.76
C GLU A 826 2.08 -12.47 -20.45
N PRO A 827 2.38 -12.99 -21.63
CA PRO A 827 3.68 -12.74 -22.26
C PRO A 827 3.85 -11.27 -22.65
N LEU A 828 5.12 -10.84 -22.65
CA LEU A 828 5.43 -9.45 -22.98
C LEU A 828 5.02 -9.11 -24.40
N ILE A 829 5.12 -10.08 -25.32
CA ILE A 829 4.72 -9.89 -26.71
C ILE A 829 3.86 -11.06 -27.13
N SER A 830 2.83 -10.77 -27.93
CA SER A 830 2.07 -11.84 -28.56
C SER A 830 2.88 -12.39 -29.73
N GLY A 831 2.33 -13.40 -30.38
CA GLY A 831 2.97 -13.93 -31.57
C GLY A 831 3.09 -12.88 -32.67
N TRP A 832 2.01 -12.12 -32.91
CA TRP A 832 2.02 -11.16 -34.01
C TRP A 832 2.92 -9.98 -33.70
N LEU A 833 3.00 -9.57 -32.43
CA LEU A 833 3.90 -8.49 -32.06
C LEU A 833 5.35 -8.85 -32.37
N PHE A 834 5.69 -10.13 -32.22
CA PHE A 834 7.01 -10.59 -32.66
C PHE A 834 7.21 -10.31 -34.14
N PHE A 835 6.17 -10.50 -34.94
CA PHE A 835 6.29 -10.18 -36.36
C PHE A 835 6.40 -8.68 -36.59
N ARG A 836 5.60 -7.88 -35.88
CA ARG A 836 5.59 -6.44 -36.12
C ARG A 836 6.93 -5.81 -35.78
N TYR A 837 7.54 -6.22 -34.65
CA TYR A 837 8.75 -5.56 -34.20
C TYR A 837 10.00 -6.07 -34.92
N MET A 838 9.99 -7.33 -35.36
CA MET A 838 11.08 -7.80 -36.21
C MET A 838 11.12 -7.02 -37.52
N ALA A 839 9.95 -6.78 -38.12
CA ALA A 839 9.89 -6.08 -39.39
C ALA A 839 10.29 -4.62 -39.25
N ILE A 840 9.98 -3.99 -38.11
CA ILE A 840 10.42 -2.61 -37.87
C ILE A 840 11.92 -2.60 -37.56
N GLY A 841 12.35 -3.47 -36.65
CA GLY A 841 13.78 -3.60 -36.39
C GLY A 841 14.56 -3.97 -37.63
N GLY A 842 13.93 -4.67 -38.58
CA GLY A 842 14.57 -4.93 -39.85
C GLY A 842 14.70 -3.67 -40.69
N TYR A 843 13.59 -2.95 -40.85
CA TYR A 843 13.64 -1.69 -41.60
C TYR A 843 14.59 -0.69 -40.97
N VAL A 844 14.70 -0.70 -39.64
CA VAL A 844 15.63 0.20 -38.96
C VAL A 844 17.08 -0.19 -39.27
N GLY A 845 17.37 -1.48 -39.28
CA GLY A 845 18.69 -1.94 -39.64
C GLY A 845 19.07 -1.57 -41.06
N ALA A 846 18.21 -1.91 -42.02
CA ALA A 846 18.50 -1.61 -43.42
C ALA A 846 18.61 -0.10 -43.66
N ALA A 847 17.75 0.69 -43.01
CA ALA A 847 17.73 2.13 -43.24
C ALA A 847 19.00 2.80 -42.74
N THR A 848 19.56 2.32 -41.63
CA THR A 848 20.79 2.93 -41.11
C THR A 848 21.98 2.57 -41.98
N VAL A 849 22.09 1.31 -42.39
CA VAL A 849 23.19 0.89 -43.25
C VAL A 849 23.09 1.58 -44.61
N GLY A 850 21.90 1.63 -45.18
CA GLY A 850 21.72 2.35 -46.44
C GLY A 850 22.00 3.84 -46.31
N ALA A 851 21.78 4.40 -45.13
CA ALA A 851 22.07 5.81 -44.91
C ALA A 851 23.56 6.08 -45.08
N ALA A 852 24.40 5.24 -44.48
CA ALA A 852 25.84 5.41 -44.63
C ALA A 852 26.28 5.04 -46.05
N ALA A 853 25.71 3.98 -46.62
CA ALA A 853 26.07 3.59 -47.98
C ALA A 853 25.72 4.67 -48.99
N TRP A 854 24.59 5.36 -48.76
CA TRP A 854 24.20 6.45 -49.66
C TRP A 854 25.26 7.53 -49.73
N TRP A 855 25.88 7.86 -48.59
CA TRP A 855 26.91 8.88 -48.59
C TRP A 855 28.15 8.42 -49.36
N PHE A 856 28.53 7.15 -49.20
CA PHE A 856 29.73 6.64 -49.85
C PHE A 856 29.55 6.52 -51.36
N MET A 857 28.33 6.28 -51.83
CA MET A 857 28.11 6.00 -53.24
C MET A 857 27.37 7.10 -53.98
N TYR A 858 26.50 7.86 -53.32
CA TYR A 858 25.58 8.71 -54.06
C TYR A 858 25.55 10.16 -53.60
N ALA A 859 25.94 10.43 -52.34
CA ALA A 859 25.96 11.80 -51.88
C ALA A 859 26.98 12.61 -52.67
N GLU A 860 26.64 13.87 -52.96
CA GLU A 860 27.53 14.70 -53.77
C GLU A 860 28.88 14.92 -53.08
N ASP A 861 28.86 15.18 -51.78
CA ASP A 861 30.12 15.36 -51.05
C ASP A 861 30.92 14.07 -50.98
N GLY A 862 30.26 12.92 -51.06
CA GLY A 862 30.91 11.65 -50.91
C GLY A 862 31.78 11.29 -52.11
N PRO A 863 32.70 10.36 -51.91
CA PRO A 863 33.58 9.95 -53.02
C PRO A 863 32.81 9.29 -54.16
N GLY A 864 31.58 8.85 -53.93
CA GLY A 864 30.82 8.21 -54.98
C GLY A 864 31.41 6.88 -55.42
N VAL A 865 32.00 6.13 -54.49
CA VAL A 865 32.64 4.86 -54.79
C VAL A 865 31.60 3.85 -55.26
N THR A 866 32.07 2.74 -55.82
CA THR A 866 31.17 1.66 -56.23
C THR A 866 30.96 0.68 -55.08
N TYR A 867 29.89 -0.11 -55.18
CA TYR A 867 29.55 -1.05 -54.12
C TYR A 867 30.63 -2.10 -53.96
N HIS A 868 31.24 -2.53 -55.08
CA HIS A 868 32.37 -3.44 -54.99
C HIS A 868 33.53 -2.78 -54.25
N GLN A 869 33.84 -1.53 -54.60
CA GLN A 869 34.84 -0.77 -53.86
C GLN A 869 34.47 -0.68 -52.39
N LEU A 870 33.20 -0.37 -52.11
CA LEU A 870 32.79 -0.09 -50.74
C LEU A 870 32.86 -1.35 -49.87
N THR A 871 32.40 -2.48 -50.40
CA THR A 871 32.41 -3.74 -49.69
C THR A 871 33.74 -4.47 -49.78
N HIS A 872 34.75 -3.84 -50.39
CA HIS A 872 36.13 -4.30 -50.32
C HIS A 872 37.04 -3.18 -49.83
N PHE A 873 36.48 -2.26 -49.03
CA PHE A 873 37.20 -1.04 -48.66
C PHE A 873 38.51 -1.31 -47.95
N MET A 874 38.65 -2.47 -47.29
CA MET A 874 39.90 -2.81 -46.63
C MET A 874 40.97 -3.31 -47.58
N GLN A 875 40.61 -3.62 -48.83
CA GLN A 875 41.58 -3.99 -49.86
C GLN A 875 42.29 -2.79 -50.46
N CYS A 876 42.06 -1.59 -49.92
CA CYS A 876 42.73 -0.37 -50.39
C CYS A 876 44.13 -0.25 -49.81
N THR A 877 44.95 -1.29 -49.98
CA THR A 877 46.26 -1.34 -49.36
C THR A 877 47.10 -0.12 -49.73
N GLU A 878 47.39 0.04 -51.01
CA GLU A 878 48.06 1.23 -51.54
C GLU A 878 47.09 1.93 -52.49
N ASP A 879 47.61 2.85 -53.30
CA ASP A 879 46.81 3.38 -54.40
C ASP A 879 46.51 2.26 -55.37
N HIS A 880 45.34 1.69 -55.25
CA HIS A 880 45.02 0.53 -56.07
C HIS A 880 44.45 0.97 -57.42
N PRO A 881 44.71 0.18 -58.47
CA PRO A 881 43.93 0.36 -59.70
C PRO A 881 42.44 0.24 -59.46
N HIS A 882 42.06 -0.65 -58.54
CA HIS A 882 40.65 -0.81 -58.18
C HIS A 882 40.10 0.46 -57.54
N PHE A 883 40.85 1.03 -56.59
CA PHE A 883 40.42 2.27 -55.92
C PHE A 883 41.22 3.43 -56.52
N GLU A 884 40.83 3.83 -57.72
CA GLU A 884 41.52 4.89 -58.45
C GLU A 884 40.94 6.25 -58.07
N GLY A 885 41.82 7.15 -57.65
CA GLY A 885 41.40 8.50 -57.29
C GLY A 885 40.81 8.63 -55.91
N LEU A 886 41.14 7.72 -55.00
CA LEU A 886 40.56 7.71 -53.67
C LEU A 886 41.65 7.76 -52.61
N ASP A 887 41.30 8.35 -51.47
CA ASP A 887 42.11 8.28 -50.26
C ASP A 887 41.61 7.11 -49.42
N CYS A 888 42.54 6.27 -48.94
CA CYS A 888 42.15 5.10 -48.15
C CYS A 888 41.33 5.51 -46.94
N GLU A 889 41.58 6.70 -46.39
CA GLU A 889 40.96 7.08 -45.13
C GLU A 889 39.49 7.44 -45.29
N ILE A 890 39.04 7.71 -46.52
CA ILE A 890 37.70 8.23 -46.77
C ILE A 890 36.65 7.30 -46.19
N PHE A 891 37.03 6.04 -45.98
CA PHE A 891 36.13 5.09 -45.33
C PHE A 891 36.03 5.32 -43.83
N GLU A 892 37.07 5.90 -43.22
CA GLU A 892 37.00 6.31 -41.82
C GLU A 892 36.36 7.69 -41.66
N ALA A 893 35.67 8.19 -42.68
CA ALA A 893 35.16 9.55 -42.62
C ALA A 893 34.01 9.64 -41.63
N PRO A 894 33.91 10.75 -40.89
CA PRO A 894 32.79 10.90 -39.94
C PRO A 894 31.42 11.01 -40.60
N GLU A 895 31.33 11.58 -41.81
CA GLU A 895 30.03 11.87 -42.41
C GLU A 895 29.15 10.64 -42.57
N PRO A 896 29.61 9.51 -43.12
CA PRO A 896 28.70 8.36 -43.24
C PRO A 896 28.16 7.85 -41.91
N MET A 897 28.99 7.83 -40.86
CA MET A 897 28.50 7.45 -39.54
C MET A 897 27.41 8.39 -39.07
N THR A 898 27.59 9.69 -39.30
CA THR A 898 26.61 10.66 -38.83
C THR A 898 25.30 10.59 -39.61
N MET A 899 25.32 10.09 -40.85
CA MET A 899 24.08 9.80 -41.54
C MET A 899 23.34 8.66 -40.87
N ALA A 900 24.05 7.61 -40.49
CA ALA A 900 23.43 6.44 -39.87
C ALA A 900 22.85 6.78 -38.51
N LEU A 901 23.68 7.37 -37.63
CA LEU A 901 23.21 7.72 -36.30
C LEU A 901 22.02 8.68 -36.36
N SER A 902 22.04 9.62 -37.31
CA SER A 902 20.92 10.54 -37.46
C SER A 902 19.66 9.82 -37.91
N VAL A 903 19.80 8.76 -38.71
CA VAL A 903 18.64 7.96 -39.08
C VAL A 903 18.18 7.11 -37.90
N LEU A 904 19.12 6.57 -37.13
CA LEU A 904 18.75 5.80 -35.95
C LEU A 904 18.01 6.68 -34.94
N VAL A 905 18.49 7.91 -34.75
CA VAL A 905 17.84 8.82 -33.80
C VAL A 905 16.46 9.22 -34.30
N THR A 906 16.37 9.66 -35.55
CA THR A 906 15.11 10.19 -36.07
C THR A 906 14.03 9.12 -36.09
N ILE A 907 14.38 7.89 -36.46
CA ILE A 907 13.40 6.81 -36.47
C ILE A 907 12.93 6.51 -35.05
N GLU A 908 13.86 6.47 -34.09
CA GLU A 908 13.47 6.20 -32.71
C GLU A 908 12.59 7.31 -32.14
N MET A 909 12.65 8.52 -32.71
CA MET A 909 11.67 9.53 -32.39
C MET A 909 10.32 9.18 -33.00
N CYS A 910 10.33 8.69 -34.24
CA CYS A 910 9.08 8.31 -34.90
C CYS A 910 8.49 7.06 -34.26
N ASN A 911 9.34 6.09 -33.90
CA ASN A 911 8.84 4.89 -33.21
C ASN A 911 8.25 5.26 -31.85
N ALA A 912 8.81 6.26 -31.18
CA ALA A 912 8.21 6.74 -29.93
C ALA A 912 6.79 7.25 -30.17
N LEU A 913 6.59 7.97 -31.28
CA LEU A 913 5.24 8.38 -31.64
C LEU A 913 4.37 7.18 -31.98
N ASN A 914 4.96 6.14 -32.57
CA ASN A 914 4.22 4.90 -32.81
C ASN A 914 3.89 4.19 -31.51
N SER A 915 4.88 4.09 -30.61
CA SER A 915 4.70 3.41 -29.33
C SER A 915 3.71 4.12 -28.41
N LEU A 916 3.17 5.27 -28.81
CA LEU A 916 2.12 5.91 -28.03
C LEU A 916 0.92 5.00 -27.89
N SER A 917 0.71 4.09 -28.85
CA SER A 917 -0.35 3.10 -28.76
C SER A 917 0.13 1.79 -29.36
N GLU A 918 -0.35 0.68 -28.81
CA GLU A 918 0.01 -0.62 -29.35
C GLU A 918 -0.72 -0.90 -30.66
N ASN A 919 -1.96 -0.41 -30.78
CA ASN A 919 -2.80 -0.73 -31.93
C ASN A 919 -3.55 0.45 -32.53
N GLN A 920 -3.59 1.62 -31.87
CA GLN A 920 -4.35 2.75 -32.39
C GLN A 920 -3.53 3.50 -33.42
N SER A 921 -4.21 3.94 -34.48
CA SER A 921 -3.58 4.82 -35.46
C SER A 921 -3.21 6.15 -34.82
N LEU A 922 -2.18 6.80 -35.36
CA LEU A 922 -1.89 8.16 -34.96
C LEU A 922 -2.93 9.13 -35.50
N MET A 923 -3.73 8.72 -36.48
CA MET A 923 -4.84 9.54 -36.95
C MET A 923 -5.95 9.62 -35.92
N ARG A 924 -6.14 8.57 -35.12
CA ARG A 924 -7.23 8.53 -34.15
C ARG A 924 -6.80 9.03 -32.77
N MET A 925 -5.66 8.56 -32.27
CA MET A 925 -5.08 9.05 -31.02
C MET A 925 -3.79 9.76 -31.36
N PRO A 926 -3.83 11.09 -31.49
CA PRO A 926 -2.72 11.83 -32.13
C PRO A 926 -1.50 11.91 -31.23
N PRO A 927 -0.38 12.47 -31.72
CA PRO A 927 0.83 12.53 -30.88
C PRO A 927 0.67 13.37 -29.62
N TRP A 928 -0.05 14.48 -29.69
CA TRP A 928 -0.13 15.38 -28.54
C TRP A 928 -0.96 14.84 -27.40
N VAL A 929 -1.40 13.59 -27.48
CA VAL A 929 -2.14 12.97 -26.39
C VAL A 929 -1.25 12.86 -25.15
N ASN A 930 0.01 12.45 -25.34
CA ASN A 930 1.03 12.49 -24.30
C ASN A 930 1.94 13.67 -24.61
N ILE A 931 1.68 14.80 -23.95
CA ILE A 931 2.49 16.00 -24.17
C ILE A 931 3.88 15.85 -23.54
N TRP A 932 4.01 15.03 -22.50
CA TRP A 932 5.34 14.75 -21.96
C TRP A 932 6.23 14.06 -22.99
N LEU A 933 5.64 13.30 -23.92
CA LEU A 933 6.40 12.60 -24.93
C LEU A 933 6.94 13.55 -26.00
N LEU A 934 6.15 14.54 -26.40
CA LEU A 934 6.63 15.53 -27.35
C LEU A 934 7.89 16.22 -26.84
N GLY A 935 7.90 16.56 -25.55
CA GLY A 935 9.08 17.19 -24.98
C GLY A 935 10.29 16.28 -25.00
N SER A 936 10.08 14.99 -24.70
CA SER A 936 11.18 14.04 -24.72
C SER A 936 11.82 13.97 -26.09
N ILE A 937 11.01 14.08 -27.15
CA ILE A 937 11.55 14.06 -28.51
C ILE A 937 12.26 15.38 -28.80
N CYS A 938 11.66 16.50 -28.39
CA CYS A 938 12.30 17.79 -28.60
C CYS A 938 13.66 17.85 -27.89
N LEU A 939 13.77 17.21 -26.73
CA LEU A 939 15.03 17.25 -25.99
C LEU A 939 16.04 16.26 -26.55
N SER A 940 15.59 15.06 -26.95
CA SER A 940 16.50 14.09 -27.54
C SER A 940 17.14 14.64 -28.81
N MET A 941 16.33 15.28 -29.66
CA MET A 941 16.86 15.86 -30.89
C MET A 941 17.78 17.03 -30.56
N SER A 942 17.42 17.84 -29.57
CA SER A 942 18.29 18.92 -29.12
C SER A 942 19.65 18.37 -28.70
N LEU A 943 19.65 17.30 -27.91
CA LEU A 943 20.91 16.67 -27.52
C LEU A 943 21.65 16.12 -28.73
N HIS A 944 20.93 15.80 -29.81
CA HIS A 944 21.60 15.35 -31.03
C HIS A 944 22.27 16.51 -31.74
N PHE A 945 21.61 17.66 -31.82
CA PHE A 945 22.26 18.81 -32.44
C PHE A 945 23.39 19.33 -31.55
N LEU A 946 23.22 19.22 -30.23
CA LEU A 946 24.29 19.60 -29.30
C LEU A 946 25.53 18.76 -29.55
N ILE A 947 25.36 17.44 -29.68
CA ILE A 947 26.48 16.53 -29.86
C ILE A 947 27.13 16.66 -31.23
N LEU A 948 26.48 17.34 -32.17
CA LEU A 948 27.07 17.62 -33.48
C LEU A 948 27.75 18.98 -33.55
N TYR A 949 27.48 19.89 -32.62
CA TYR A 949 27.78 21.30 -32.83
C TYR A 949 28.66 21.94 -31.77
N VAL A 950 28.77 21.37 -30.57
CA VAL A 950 29.62 21.92 -29.52
C VAL A 950 30.94 21.17 -29.55
N ASP A 951 32.00 21.87 -29.94
CA ASP A 951 33.21 21.31 -30.55
C ASP A 951 34.02 20.30 -29.73
N PRO A 952 33.84 20.19 -28.41
CA PRO A 952 34.36 18.98 -27.75
C PRO A 952 33.62 17.72 -28.17
N LEU A 953 32.33 17.82 -28.48
CA LEU A 953 31.50 16.62 -28.63
C LEU A 953 31.73 15.88 -29.94
N PRO A 954 31.67 16.51 -31.12
CA PRO A 954 31.77 15.71 -32.35
C PRO A 954 33.04 14.89 -32.45
N MET A 955 34.17 15.41 -31.95
CA MET A 955 35.40 14.63 -31.95
C MET A 955 35.25 13.35 -31.13
N ILE A 956 34.51 13.41 -30.03
CA ILE A 956 34.30 12.24 -29.19
C ILE A 956 33.51 11.18 -29.94
N PHE A 957 32.26 11.50 -30.29
CA PHE A 957 31.36 10.55 -30.94
C PHE A 957 31.65 10.37 -32.42
N LYS A 958 32.67 11.06 -32.96
CA LYS A 958 33.11 10.90 -34.34
C LYS A 958 31.98 11.25 -35.31
N LEU A 959 31.49 12.48 -35.21
CA LEU A 959 30.39 12.97 -36.00
C LEU A 959 30.79 14.24 -36.73
N LYS A 960 29.90 14.70 -37.61
CA LYS A 960 30.06 15.97 -38.30
C LYS A 960 28.69 16.45 -38.75
N ALA A 961 28.47 17.77 -38.63
CA ALA A 961 27.16 18.34 -38.90
C ALA A 961 26.74 18.13 -40.34
N LEU A 962 25.52 17.62 -40.53
CA LEU A 962 24.95 17.44 -41.85
C LEU A 962 24.50 18.77 -42.43
N ASP A 963 24.58 18.88 -43.76
CA ASP A 963 24.00 20.04 -44.42
C ASP A 963 22.50 19.83 -44.58
N LEU A 964 21.83 20.79 -45.23
CA LEU A 964 20.39 20.66 -45.43
C LEU A 964 20.06 19.44 -46.29
N THR A 965 20.86 19.19 -47.32
CA THR A 965 20.61 18.05 -48.20
C THR A 965 20.66 16.73 -47.42
N GLN A 966 21.76 16.52 -46.70
CA GLN A 966 21.93 15.26 -45.98
C GLN A 966 20.84 15.05 -44.93
N TRP A 967 20.31 16.15 -44.37
CA TRP A 967 19.21 16.02 -43.42
C TRP A 967 17.91 15.64 -44.12
N LEU A 968 17.58 16.33 -45.21
CA LEU A 968 16.42 15.96 -46.00
C LEU A 968 16.50 14.52 -46.47
N MET A 969 17.70 13.96 -46.58
CA MET A 969 17.83 12.55 -46.91
C MET A 969 17.48 11.67 -45.72
N VAL A 970 17.79 12.13 -44.51
CA VAL A 970 17.40 11.40 -43.30
C VAL A 970 15.89 11.31 -43.21
N LEU A 971 15.20 12.45 -43.41
CA LEU A 971 13.75 12.42 -43.39
C LEU A 971 13.20 11.63 -44.58
N LYS A 972 13.86 11.71 -45.74
CA LYS A 972 13.55 10.82 -46.85
C LYS A 972 13.56 9.37 -46.41
N ILE A 973 14.55 9.00 -45.60
CA ILE A 973 14.72 7.61 -45.19
C ILE A 973 13.85 7.30 -43.97
N SER A 974 13.90 8.15 -42.96
CA SER A 974 13.45 7.77 -41.62
C SER A 974 11.93 7.68 -41.52
N LEU A 975 11.24 8.76 -41.90
CA LEU A 975 9.80 8.96 -41.71
C LEU A 975 8.91 7.80 -42.17
N PRO A 976 9.23 7.10 -43.27
CA PRO A 976 8.40 5.93 -43.66
C PRO A 976 8.17 4.89 -42.57
N VAL A 977 9.01 4.87 -41.53
CA VAL A 977 8.77 3.96 -40.41
C VAL A 977 7.43 4.22 -39.76
N ILE A 978 6.93 5.46 -39.85
CA ILE A 978 5.56 5.76 -39.43
C ILE A 978 4.57 5.06 -40.35
N GLY A 979 4.71 5.27 -41.66
CA GLY A 979 3.83 4.60 -42.61
C GLY A 979 3.92 3.09 -42.54
N LEU A 980 5.06 2.57 -42.11
CA LEU A 980 5.18 1.11 -41.92
C LEU A 980 4.36 0.65 -40.73
N ASP A 981 4.54 1.29 -39.58
CA ASP A 981 3.83 0.85 -38.38
C ASP A 981 2.34 1.15 -38.48
N GLU A 982 1.98 2.29 -39.08
CA GLU A 982 0.56 2.59 -39.32
C GLU A 982 -0.10 1.50 -40.16
N ILE A 983 0.58 1.07 -41.23
CA ILE A 983 0.07 -0.02 -42.06
C ILE A 983 0.03 -1.31 -41.25
N LEU A 984 1.07 -1.58 -40.46
CA LEU A 984 1.08 -2.76 -39.61
C LEU A 984 -0.05 -2.70 -38.59
N LYS A 985 -0.23 -1.54 -37.95
CA LYS A 985 -1.35 -1.38 -37.03
C LYS A 985 -2.69 -1.60 -37.71
N PHE A 986 -2.75 -1.48 -39.04
CA PHE A 986 -4.00 -1.64 -39.74
C PHE A 986 -4.46 -3.10 -39.79
N ILE A 987 -3.54 -4.02 -40.11
CA ILE A 987 -3.92 -5.43 -40.17
C ILE A 987 -4.40 -5.92 -38.80
N ALA A 988 -3.90 -5.31 -37.73
CA ALA A 988 -4.34 -5.69 -36.39
C ALA A 988 -5.80 -5.32 -36.18
N ARG A 989 -6.10 -4.02 -36.19
CA ARG A 989 -7.46 -3.57 -35.95
C ARG A 989 -8.41 -3.85 -37.11
N ASN A 990 -8.06 -4.66 -38.11
CA ASN A 990 -8.98 -4.93 -39.21
C ASN A 990 -8.93 -6.36 -39.75
N TYR A 991 -7.89 -7.14 -39.49
CA TYR A 991 -7.81 -8.48 -40.08
C TYR A 991 -7.43 -9.59 -39.10
N LEU A 992 -6.92 -9.29 -37.91
CA LEU A 992 -6.46 -10.33 -37.00
C LEU A 992 -7.52 -10.73 -35.98
N GLU A 993 -8.11 -9.75 -35.28
CA GLU A 993 -9.24 -10.04 -34.41
C GLU A 993 -10.51 -10.33 -35.19
N GLY A 994 -10.49 -10.19 -36.51
CA GLY A 994 -11.63 -10.48 -37.34
C GLY A 994 -11.42 -10.04 -38.78
#